data_6WZL
#
_entry.id   6WZL
#
_cell.length_a   51.894
_cell.length_b   194.121
_cell.length_c   64.717
_cell.angle_alpha   90.000
_cell.angle_beta   110.060
_cell.angle_gamma   90.000
#
_symmetry.space_group_name_H-M   'P 1 21 1'
#
loop_
_entity.id
_entity.type
_entity.pdbx_description
1 polymer 'LY3041658 Fab heavy chain'
2 polymer 'LY3041658 Fab light chain'
3 polymer 'LY3041658 Fab heavy chain'
4 polymer 'C-X-C motif chemokine 7'
5 non-polymer 1-(2-METHOXY-ETHOXY)-2-{2-[2-(2-METHOXY-ETHOXY]-ETHOXY}-ETHANE
6 water water
#
loop_
_entity_poly.entity_id
_entity_poly.type
_entity_poly.pdbx_seq_one_letter_code
_entity_poly.pdbx_strand_id
1 'polypeptide(L)'
;QVQLVQSGAEVKKPGASVKVSCKASGYEFTSYWIHWVRQAPGQGLEWMGNISPNSGSANYNEKFKSRVTMTRDTSTSTVY
MELSSLRSEDTAVYYCAREGPYSYYPSREYYGSDLWGQGTLVTVSSASTKGPSVFPLAPCSRSTSESTAALGCLVKDYFP
EPVTVSWNSGALTSGVHTFPAVLQSSGLYSLSSVVTVPSSSLGTKTYTCNVDHKPSNTKVDKRV
;
A
2 'polypeptide(L)'
;EIVLTQSPATLSLSPGERATLSCRASQSISNNLHWYQQKPGQAPRLLIYYTSRSVSGIPARFSGSGSGTDFTLTISSLEP
EDFAVYYCGQNNEWPEVFGGGTKVEIKRTVAAPSVFIFPPSDEQLKSGTASVVCLLNNFYPREAKVQWKVDNALQSGNSQ
ESVTEQDSKDSTYSLSSTLTLSKADYEKHKVYACEVTHQGLSSPVTKSFNRGEC
;
B,D
3 'polypeptide(L)'
;(PCA)VQLVQSGAEVKKPGASVKVSCKASGYEFTSYWIHWVRQAPGQGLEWMGNISPNSGSANYNEKFKSRVTMTRDTST
STVYMELSSLRSEDTAVYYCAREGPYSYYPSREYYGSDLWGQGTLVTVSSASTKGPSVFPLAPCSRSTSESTAALGCLVK
DYFPEPVTVSWNSGALTSGVHTFPAVLQSSGLYSLSSVVTVPSSSLGTKTYTCNVDHKPSNTKVDKRV
;
C
4 'polypeptide(L)' TELRCLCMKTTSGIHPKNIQSLEVIGKGIHCNQVEVIATLKDGRKICLDPDAPRIKKIVQKKLAGDESAD E,F
#
loop_
_chem_comp.id
_chem_comp.type
_chem_comp.name
_chem_comp.formula
PG6 non-polymer 1-(2-METHOXY-ETHOXY)-2-{2-[2-(2-METHOXY-ETHOXY]-ETHOXY}-ETHANE 'C12 H26 O6'
#
# COMPACT_ATOMS: atom_id res chain seq x y z
N GLN A 1 -15.88 7.60 -39.73
CA GLN A 1 -15.34 8.73 -38.96
C GLN A 1 -15.69 8.59 -37.48
N VAL A 2 -14.69 8.74 -36.59
CA VAL A 2 -14.89 8.63 -35.14
C VAL A 2 -15.29 10.04 -34.65
N GLN A 3 -16.53 10.20 -34.17
CA GLN A 3 -17.06 11.48 -33.72
C GLN A 3 -18.21 11.37 -32.74
N LEU A 4 -18.42 12.47 -32.00
CA LEU A 4 -19.55 12.68 -31.09
C LEU A 4 -20.27 13.92 -31.63
N VAL A 5 -21.49 13.74 -32.16
CA VAL A 5 -22.23 14.84 -32.78
C VAL A 5 -23.38 15.27 -31.87
N GLN A 6 -23.28 16.50 -31.39
CA GLN A 6 -24.29 17.05 -30.49
C GLN A 6 -25.39 17.81 -31.24
N SER A 7 -26.57 17.96 -30.60
CA SER A 7 -27.68 18.72 -31.15
C SER A 7 -27.36 20.25 -31.11
N GLY A 8 -28.11 21.05 -31.88
CA GLY A 8 -27.90 22.49 -32.02
C GLY A 8 -28.15 23.35 -30.80
N ALA A 9 -27.73 24.65 -30.87
CA ALA A 9 -27.89 25.66 -29.83
C ALA A 9 -29.33 25.79 -29.35
N GLU A 10 -29.51 26.12 -28.06
CA GLU A 10 -30.84 26.20 -27.42
C GLU A 10 -31.01 27.49 -26.64
N VAL A 11 -32.22 28.03 -26.69
CA VAL A 11 -32.62 29.23 -25.94
C VAL A 11 -33.80 28.79 -25.07
N LYS A 12 -33.71 29.05 -23.77
CA LYS A 12 -34.75 28.62 -22.83
C LYS A 12 -35.02 29.69 -21.82
N LYS A 13 -36.26 29.75 -21.36
CA LYS A 13 -36.62 30.71 -20.33
C LYS A 13 -36.30 30.15 -18.94
N PRO A 14 -36.04 30.98 -17.92
CA PRO A 14 -35.78 30.42 -16.57
C PRO A 14 -36.99 29.59 -16.08
N GLY A 15 -36.71 28.46 -15.44
CA GLY A 15 -37.71 27.52 -14.92
C GLY A 15 -38.05 26.41 -15.91
N ALA A 16 -37.66 26.57 -17.19
CA ALA A 16 -37.91 25.54 -18.20
C ALA A 16 -36.86 24.40 -18.14
N SER A 17 -36.93 23.44 -19.08
CA SER A 17 -36.00 22.31 -19.18
C SER A 17 -35.42 22.22 -20.59
N VAL A 18 -34.24 21.60 -20.72
CA VAL A 18 -33.55 21.44 -22.00
C VAL A 18 -33.08 20.01 -22.13
N LYS A 19 -33.17 19.45 -23.32
CA LYS A 19 -32.70 18.10 -23.58
C LYS A 19 -31.74 18.17 -24.72
N VAL A 20 -30.47 17.85 -24.43
CA VAL A 20 -29.35 17.86 -25.37
C VAL A 20 -29.01 16.39 -25.70
N SER A 21 -28.76 16.12 -26.97
CA SER A 21 -28.38 14.80 -27.43
C SER A 21 -26.92 14.80 -27.88
N CYS A 22 -26.32 13.59 -27.86
CA CYS A 22 -24.95 13.34 -28.29
C CYS A 22 -24.93 12.02 -29.03
N LYS A 23 -24.70 12.08 -30.35
CA LYS A 23 -24.71 10.89 -31.19
C LYS A 23 -23.31 10.43 -31.48
N ALA A 24 -23.00 9.20 -31.09
CA ALA A 24 -21.70 8.57 -31.31
C ALA A 24 -21.71 7.86 -32.64
N SER A 25 -20.59 7.91 -33.35
CA SER A 25 -20.41 7.17 -34.60
C SER A 25 -18.96 6.83 -34.85
N GLY A 26 -18.73 5.66 -35.48
CA GLY A 26 -17.41 5.17 -35.86
C GLY A 26 -16.66 4.36 -34.84
N TYR A 27 -17.27 4.07 -33.69
CA TYR A 27 -16.60 3.32 -32.61
C TYR A 27 -17.59 2.43 -31.83
N GLU A 28 -17.07 1.55 -30.95
CA GLU A 28 -17.89 0.67 -30.16
C GLU A 28 -18.53 1.41 -28.96
N PHE A 29 -19.78 1.83 -29.18
CA PHE A 29 -20.67 2.58 -28.28
C PHE A 29 -20.66 2.09 -26.83
N THR A 30 -20.81 0.76 -26.61
CA THR A 30 -20.83 0.12 -25.28
C THR A 30 -19.47 0.04 -24.53
N SER A 31 -18.36 0.34 -25.21
CA SER A 31 -17.00 0.20 -24.65
C SER A 31 -16.43 1.49 -23.95
N TYR A 32 -17.17 2.61 -24.04
CA TYR A 32 -16.72 3.91 -23.50
C TYR A 32 -17.77 4.57 -22.64
N TRP A 33 -17.37 5.18 -21.52
CA TRP A 33 -18.30 5.97 -20.71
C TRP A 33 -18.59 7.27 -21.48
N ILE A 34 -19.80 7.83 -21.30
CA ILE A 34 -20.15 9.13 -21.89
C ILE A 34 -20.34 10.13 -20.76
N HIS A 35 -19.43 11.11 -20.63
CA HIS A 35 -19.51 12.18 -19.63
C HIS A 35 -20.17 13.43 -20.25
N TRP A 36 -20.80 14.26 -19.38
CA TRP A 36 -21.38 15.56 -19.69
C TRP A 36 -20.62 16.54 -18.85
N VAL A 37 -19.92 17.46 -19.53
CA VAL A 37 -19.06 18.51 -18.96
C VAL A 37 -19.54 19.88 -19.47
N ARG A 38 -19.71 20.83 -18.56
CA ARG A 38 -20.12 22.15 -19.00
C ARG A 38 -19.05 23.22 -18.73
N GLN A 39 -19.12 24.27 -19.55
CA GLN A 39 -18.22 25.40 -19.48
C GLN A 39 -19.01 26.70 -19.63
N ALA A 40 -19.20 27.41 -18.52
CA ALA A 40 -19.83 28.72 -18.44
C ALA A 40 -18.93 29.77 -19.15
N PRO A 41 -19.49 30.85 -19.76
CA PRO A 41 -18.63 31.83 -20.49
C PRO A 41 -17.43 32.36 -19.70
N GLY A 42 -16.25 32.25 -20.33
CA GLY A 42 -14.96 32.63 -19.76
C GLY A 42 -14.49 31.81 -18.55
N GLN A 43 -15.16 30.66 -18.25
CA GLN A 43 -14.83 29.80 -17.09
C GLN A 43 -14.21 28.46 -17.43
N GLY A 44 -13.92 27.67 -16.39
CA GLY A 44 -13.33 26.34 -16.51
C GLY A 44 -14.34 25.25 -16.78
N LEU A 45 -13.94 24.00 -16.59
CA LEU A 45 -14.83 22.85 -16.87
C LEU A 45 -15.47 22.25 -15.63
N GLU A 46 -16.76 21.84 -15.75
CA GLU A 46 -17.49 21.21 -14.66
C GLU A 46 -18.21 19.95 -15.10
N TRP A 47 -17.89 18.83 -14.46
CA TRP A 47 -18.49 17.52 -14.72
C TRP A 47 -19.91 17.47 -14.14
N MET A 48 -20.85 17.05 -14.95
CA MET A 48 -22.26 16.97 -14.55
C MET A 48 -22.66 15.57 -14.17
N GLY A 49 -22.12 14.64 -14.91
CA GLY A 49 -22.35 13.25 -14.67
C GLY A 49 -21.95 12.44 -15.87
N ASN A 50 -22.28 11.17 -15.84
CA ASN A 50 -21.99 10.29 -16.94
C ASN A 50 -23.08 9.25 -17.07
N ILE A 51 -22.98 8.48 -18.12
CA ILE A 51 -23.91 7.38 -18.36
C ILE A 51 -23.14 6.26 -19.05
N SER A 52 -23.32 5.03 -18.56
CA SER A 52 -22.74 3.86 -19.22
C SER A 52 -23.67 3.53 -20.41
N PRO A 53 -23.17 3.49 -21.66
CA PRO A 53 -24.01 3.10 -22.80
C PRO A 53 -24.32 1.59 -22.76
N ASN A 54 -23.53 0.84 -22.00
CA ASN A 54 -23.72 -0.59 -21.84
C ASN A 54 -24.93 -0.85 -20.92
N SER A 55 -24.83 -0.53 -19.63
CA SER A 55 -25.90 -0.72 -18.64
C SER A 55 -27.04 0.32 -18.64
N GLY A 56 -26.77 1.56 -19.08
CA GLY A 56 -27.77 2.63 -19.07
C GLY A 56 -27.80 3.34 -17.73
N SER A 57 -26.85 2.95 -16.85
CA SER A 57 -26.70 3.49 -15.51
C SER A 57 -26.01 4.86 -15.56
N ALA A 58 -26.63 5.85 -14.91
CA ALA A 58 -26.09 7.21 -14.87
C ALA A 58 -25.63 7.58 -13.49
N ASN A 59 -24.53 8.32 -13.46
CA ASN A 59 -23.93 8.82 -12.23
C ASN A 59 -23.93 10.33 -12.35
N TYR A 60 -24.44 11.02 -11.33
CA TYR A 60 -24.59 12.47 -11.35
C TYR A 60 -23.75 13.18 -10.32
N ASN A 61 -23.41 14.43 -10.61
CA ASN A 61 -22.75 15.29 -9.65
C ASN A 61 -23.90 15.69 -8.69
N GLU A 62 -23.70 15.56 -7.35
CA GLU A 62 -24.69 15.90 -6.31
C GLU A 62 -25.28 17.30 -6.49
N LYS A 63 -24.44 18.22 -7.02
CA LYS A 63 -24.80 19.61 -7.33
C LYS A 63 -25.99 19.66 -8.31
N PHE A 64 -26.08 18.69 -9.24
CA PHE A 64 -27.12 18.67 -10.27
C PHE A 64 -28.16 17.57 -10.11
N LYS A 65 -27.87 16.54 -9.29
CA LYS A 65 -28.67 15.35 -9.05
C LYS A 65 -30.20 15.57 -8.99
N SER A 66 -30.63 16.63 -8.29
CA SER A 66 -32.04 16.97 -8.11
C SER A 66 -32.78 17.42 -9.37
N ARG A 67 -32.07 17.87 -10.42
CA ARG A 67 -32.73 18.36 -11.64
C ARG A 67 -32.08 17.87 -12.99
N VAL A 68 -31.30 16.77 -12.95
CA VAL A 68 -30.67 16.23 -14.17
C VAL A 68 -31.06 14.78 -14.38
N THR A 69 -31.20 14.38 -15.66
CA THR A 69 -31.49 13.02 -16.10
C THR A 69 -30.63 12.72 -17.34
N MET A 70 -29.85 11.64 -17.28
CA MET A 70 -29.05 11.19 -18.42
C MET A 70 -29.59 9.86 -18.80
N THR A 71 -29.85 9.69 -20.10
CA THR A 71 -30.41 8.46 -20.68
C THR A 71 -29.67 8.10 -21.95
N ARG A 72 -29.86 6.87 -22.42
CA ARG A 72 -29.22 6.33 -23.61
C ARG A 72 -30.16 5.51 -24.46
N ASP A 73 -29.91 5.56 -25.77
CA ASP A 73 -30.64 4.85 -26.80
C ASP A 73 -29.66 4.07 -27.67
N THR A 74 -29.58 2.75 -27.42
CA THR A 74 -28.74 1.74 -28.09
C THR A 74 -29.01 1.68 -29.61
N SER A 75 -30.30 1.73 -30.00
CA SER A 75 -30.76 1.65 -31.39
C SER A 75 -30.19 2.75 -32.29
N THR A 76 -29.99 3.96 -31.71
CA THR A 76 -29.46 5.12 -32.44
C THR A 76 -28.04 5.51 -32.00
N SER A 77 -27.44 4.81 -31.01
CA SER A 77 -26.10 5.13 -30.44
C SER A 77 -26.06 6.61 -29.92
N THR A 78 -27.11 7.02 -29.21
CA THR A 78 -27.32 8.38 -28.73
C THR A 78 -27.54 8.45 -27.24
N VAL A 79 -26.87 9.43 -26.61
CA VAL A 79 -27.05 9.71 -25.18
C VAL A 79 -27.70 11.11 -25.06
N TYR A 80 -28.47 11.27 -24.02
CA TYR A 80 -29.19 12.50 -23.79
C TYR A 80 -28.94 12.99 -22.40
N MET A 81 -28.96 14.31 -22.26
CA MET A 81 -28.87 14.97 -20.99
C MET A 81 -30.05 15.94 -20.93
N GLU A 82 -30.85 15.83 -19.87
CA GLU A 82 -31.95 16.72 -19.62
C GLU A 82 -31.69 17.49 -18.36
N LEU A 83 -31.67 18.83 -18.45
CA LEU A 83 -31.45 19.67 -17.29
C LEU A 83 -32.71 20.51 -17.09
N SER A 84 -33.27 20.48 -15.87
CA SER A 84 -34.52 21.17 -15.57
C SER A 84 -34.37 22.31 -14.58
N SER A 85 -35.50 23.03 -14.30
CA SER A 85 -35.58 24.21 -13.39
C SER A 85 -34.43 25.18 -13.71
N LEU A 86 -34.24 25.44 -15.02
CA LEU A 86 -33.17 26.25 -15.59
C LEU A 86 -33.07 27.64 -15.00
N ARG A 87 -31.84 28.10 -14.73
CA ARG A 87 -31.54 29.41 -14.17
C ARG A 87 -30.40 30.07 -14.96
N SER A 88 -30.20 31.39 -14.80
CA SER A 88 -29.14 32.14 -15.50
C SER A 88 -27.77 31.45 -15.43
N GLU A 89 -27.43 30.89 -14.25
CA GLU A 89 -26.18 30.17 -13.99
C GLU A 89 -26.01 28.92 -14.86
N ASP A 90 -27.05 28.47 -15.56
CA ASP A 90 -27.02 27.28 -16.41
C ASP A 90 -26.61 27.60 -17.86
N THR A 91 -26.45 28.90 -18.16
CA THR A 91 -25.99 29.34 -19.47
C THR A 91 -24.55 28.90 -19.61
N ALA A 92 -24.26 28.05 -20.61
CA ALA A 92 -22.94 27.44 -20.85
C ALA A 92 -22.92 26.64 -22.15
N VAL A 93 -21.72 26.22 -22.54
CA VAL A 93 -21.51 25.24 -23.62
C VAL A 93 -21.47 23.87 -22.91
N TYR A 94 -22.32 22.94 -23.36
CA TYR A 94 -22.42 21.58 -22.86
C TYR A 94 -21.76 20.62 -23.77
N TYR A 95 -20.78 19.87 -23.25
CA TYR A 95 -19.98 18.91 -24.02
C TYR A 95 -20.27 17.49 -23.60
N CYS A 96 -20.16 16.58 -24.56
CA CYS A 96 -20.17 15.17 -24.28
C CYS A 96 -18.77 14.69 -24.66
N ALA A 97 -18.25 13.75 -23.87
CA ALA A 97 -16.91 13.19 -24.04
C ALA A 97 -16.88 11.71 -23.67
N ARG A 98 -16.16 10.92 -24.45
CA ARG A 98 -16.02 9.48 -24.20
C ARG A 98 -14.73 9.21 -23.43
N GLU A 99 -14.74 8.16 -22.60
CA GLU A 99 -13.64 7.68 -21.77
C GLU A 99 -13.60 6.17 -21.91
N GLY A 100 -12.52 5.68 -22.47
CA GLY A 100 -12.32 4.26 -22.72
C GLY A 100 -11.18 4.08 -23.69
N PRO A 101 -11.03 2.91 -24.36
CA PRO A 101 -11.93 1.74 -24.35
C PRO A 101 -11.75 0.83 -23.13
N TYR A 102 -12.86 0.43 -22.52
CA TYR A 102 -12.85 -0.49 -21.37
C TYR A 102 -13.50 -1.81 -21.78
N SER A 103 -13.02 -2.91 -21.17
CA SER A 103 -13.49 -4.28 -21.40
C SER A 103 -14.13 -4.83 -20.11
N TYR A 104 -14.18 -6.18 -19.97
CA TYR A 104 -14.70 -6.83 -18.77
C TYR A 104 -13.62 -7.00 -17.68
N TYR A 105 -12.47 -6.33 -17.84
CA TYR A 105 -11.40 -6.36 -16.84
C TYR A 105 -11.52 -5.10 -15.95
N PRO A 106 -11.73 -5.24 -14.61
CA PRO A 106 -11.80 -4.03 -13.78
C PRO A 106 -10.42 -3.35 -13.66
N SER A 107 -10.41 -2.02 -13.46
CA SER A 107 -9.16 -1.29 -13.35
C SER A 107 -9.25 -0.16 -12.34
N ARG A 108 -8.08 0.27 -11.86
CA ARG A 108 -7.94 1.43 -10.99
C ARG A 108 -7.00 2.40 -11.71
N GLU A 109 -6.67 2.09 -12.98
CA GLU A 109 -5.86 2.88 -13.90
C GLU A 109 -6.81 3.28 -15.04
N TYR A 110 -6.97 4.57 -15.26
CA TYR A 110 -7.96 5.06 -16.22
C TYR A 110 -7.41 5.84 -17.38
N TYR A 111 -8.15 5.80 -18.47
CA TYR A 111 -7.89 6.60 -19.67
C TYR A 111 -8.46 8.00 -19.41
N GLY A 112 -8.03 8.97 -20.20
CA GLY A 112 -8.62 10.31 -20.19
C GLY A 112 -9.82 10.34 -21.15
N SER A 113 -10.45 11.53 -21.35
CA SER A 113 -11.55 11.66 -22.31
C SER A 113 -10.94 12.12 -23.64
N ASP A 114 -10.67 11.13 -24.52
CA ASP A 114 -9.94 11.28 -25.79
C ASP A 114 -10.76 11.81 -26.94
N LEU A 115 -12.09 11.89 -26.79
CA LEU A 115 -12.95 12.37 -27.85
C LEU A 115 -14.10 13.16 -27.26
N TRP A 116 -14.24 14.41 -27.72
CA TRP A 116 -15.26 15.36 -27.27
C TRP A 116 -16.17 15.74 -28.39
N GLY A 117 -17.42 16.06 -28.06
CA GLY A 117 -18.38 16.59 -29.02
C GLY A 117 -18.05 18.05 -29.32
N GLN A 118 -18.72 18.65 -30.31
CA GLN A 118 -18.46 20.06 -30.66
C GLN A 118 -19.00 21.04 -29.60
N GLY A 119 -19.86 20.56 -28.73
CA GLY A 119 -20.50 21.39 -27.72
C GLY A 119 -21.83 21.93 -28.23
N THR A 120 -22.71 22.27 -27.29
CA THR A 120 -24.05 22.82 -27.49
C THR A 120 -24.16 24.02 -26.59
N LEU A 121 -24.37 25.20 -27.18
CA LEU A 121 -24.59 26.38 -26.38
C LEU A 121 -26.03 26.38 -25.90
N VAL A 122 -26.25 26.52 -24.60
CA VAL A 122 -27.55 26.61 -23.96
C VAL A 122 -27.60 27.97 -23.29
N THR A 123 -28.52 28.83 -23.73
CA THR A 123 -28.68 30.18 -23.18
C THR A 123 -29.96 30.20 -22.37
N VAL A 124 -29.88 30.59 -21.10
CA VAL A 124 -31.06 30.69 -20.24
C VAL A 124 -31.37 32.17 -20.07
N SER A 125 -32.57 32.61 -20.43
CA SER A 125 -32.84 34.03 -20.25
C SER A 125 -34.30 34.32 -20.38
N SER A 126 -34.74 35.38 -19.67
CA SER A 126 -36.09 35.93 -19.73
C SER A 126 -36.22 36.75 -21.05
N ALA A 127 -35.07 37.16 -21.64
CA ALA A 127 -35.00 37.91 -22.91
C ALA A 127 -35.48 37.08 -24.08
N SER A 128 -35.98 37.74 -25.14
CA SER A 128 -36.51 37.05 -26.32
C SER A 128 -35.64 37.41 -27.52
N THR A 129 -35.65 36.59 -28.59
CA THR A 129 -34.84 36.83 -29.79
C THR A 129 -35.03 38.28 -30.27
N LYS A 130 -33.89 38.97 -30.49
CA LYS A 130 -33.85 40.38 -30.86
C LYS A 130 -32.59 40.67 -31.65
N GLY A 131 -32.79 41.32 -32.79
CA GLY A 131 -31.72 41.74 -33.67
C GLY A 131 -31.03 42.96 -33.09
N PRO A 132 -29.76 43.20 -33.47
CA PRO A 132 -29.07 44.38 -32.93
C PRO A 132 -29.40 45.71 -33.63
N SER A 133 -29.09 46.83 -32.94
CA SER A 133 -29.08 48.19 -33.45
C SER A 133 -27.59 48.43 -33.69
N VAL A 134 -27.25 48.94 -34.87
CA VAL A 134 -25.84 49.16 -35.20
C VAL A 134 -25.57 50.66 -35.25
N PHE A 135 -24.69 51.15 -34.37
CA PHE A 135 -24.32 52.57 -34.27
C PHE A 135 -22.88 52.83 -34.69
N PRO A 136 -22.60 53.99 -35.31
CA PRO A 136 -21.22 54.31 -35.66
C PRO A 136 -20.35 54.72 -34.47
N LEU A 137 -19.06 54.43 -34.58
CA LEU A 137 -18.05 54.85 -33.61
C LEU A 137 -17.11 55.72 -34.39
N ALA A 138 -17.14 56.99 -34.12
CA ALA A 138 -16.30 57.93 -34.85
C ALA A 138 -15.77 58.96 -33.86
N PRO A 139 -14.55 59.52 -34.08
CA PRO A 139 -14.05 60.54 -33.15
C PRO A 139 -14.82 61.86 -33.24
N CYS A 140 -14.79 62.66 -32.16
CA CYS A 140 -15.46 63.96 -32.07
C CYS A 140 -14.90 64.92 -33.13
N SER A 145 -5.96 64.82 -36.43
CA SER A 145 -4.80 65.38 -35.75
C SER A 145 -3.59 64.44 -35.83
N GLU A 146 -3.71 63.23 -35.21
CA GLU A 146 -2.68 62.19 -35.24
C GLU A 146 -2.70 61.55 -36.62
N SER A 147 -1.59 60.94 -37.06
CA SER A 147 -1.47 60.27 -38.36
C SER A 147 -2.39 59.03 -38.55
N THR A 148 -2.76 58.39 -37.43
CA THR A 148 -3.63 57.22 -37.44
C THR A 148 -4.97 57.55 -36.77
N ALA A 149 -6.07 57.05 -37.36
CA ALA A 149 -7.43 57.28 -36.92
C ALA A 149 -8.14 55.96 -36.61
N ALA A 150 -9.09 55.99 -35.69
CA ALA A 150 -9.87 54.81 -35.37
C ALA A 150 -11.35 55.05 -35.65
N LEU A 151 -12.03 54.02 -36.14
CA LEU A 151 -13.47 54.09 -36.35
C LEU A 151 -13.99 52.69 -36.14
N GLY A 152 -15.29 52.56 -35.95
CA GLY A 152 -15.87 51.26 -35.70
C GLY A 152 -17.37 51.28 -35.68
N CYS A 153 -17.95 50.18 -35.24
CA CYS A 153 -19.38 50.13 -35.08
C CYS A 153 -19.78 49.37 -33.81
N LEU A 154 -20.78 49.92 -33.13
CA LEU A 154 -21.32 49.38 -31.89
C LEU A 154 -22.55 48.58 -32.24
N VAL A 155 -22.50 47.27 -31.95
CA VAL A 155 -23.57 46.30 -32.20
C VAL A 155 -24.26 46.07 -30.85
N LYS A 156 -25.35 46.78 -30.63
CA LYS A 156 -26.03 46.82 -29.35
C LYS A 156 -27.38 46.15 -29.28
N ASP A 157 -27.63 45.55 -28.11
CA ASP A 157 -28.90 44.95 -27.66
C ASP A 157 -29.43 43.85 -28.55
N TYR A 158 -28.66 42.79 -28.71
CA TYR A 158 -29.12 41.65 -29.48
C TYR A 158 -29.22 40.41 -28.56
N PHE A 159 -29.98 39.41 -28.98
CA PHE A 159 -30.15 38.18 -28.22
C PHE A 159 -30.73 37.09 -29.11
N PRO A 160 -30.23 35.84 -29.04
CA PRO A 160 -29.06 35.35 -28.28
C PRO A 160 -27.76 35.55 -29.06
N GLU A 161 -26.63 34.97 -28.57
CA GLU A 161 -25.36 34.99 -29.29
C GLU A 161 -25.51 33.99 -30.47
N PRO A 162 -24.69 34.03 -31.55
CA PRO A 162 -23.57 34.91 -31.87
C PRO A 162 -23.92 35.99 -32.94
N VAL A 163 -22.98 36.91 -33.20
CA VAL A 163 -23.00 37.94 -34.24
C VAL A 163 -21.66 37.89 -34.96
N THR A 164 -21.66 37.99 -36.29
CA THR A 164 -20.43 38.07 -37.08
C THR A 164 -20.32 39.49 -37.63
N VAL A 165 -19.09 40.00 -37.64
CA VAL A 165 -18.75 41.31 -38.16
C VAL A 165 -17.56 41.17 -39.11
N SER A 166 -17.65 41.86 -40.27
CA SER A 166 -16.59 42.01 -41.27
C SER A 166 -16.60 43.49 -41.71
N TRP A 167 -15.55 43.93 -42.38
CA TRP A 167 -15.42 45.28 -42.87
C TRP A 167 -15.21 45.22 -44.36
N ASN A 168 -15.98 46.04 -45.11
CA ASN A 168 -15.97 46.15 -46.58
C ASN A 168 -16.12 44.78 -47.25
N SER A 169 -17.13 44.01 -46.78
CA SER A 169 -17.49 42.66 -47.26
C SER A 169 -16.35 41.62 -47.11
N GLY A 170 -15.45 41.86 -46.15
CA GLY A 170 -14.32 40.98 -45.86
C GLY A 170 -13.02 41.42 -46.53
N ALA A 171 -13.07 42.50 -47.32
CA ALA A 171 -11.89 43.05 -47.99
C ALA A 171 -10.93 43.73 -47.01
N LEU A 172 -11.46 44.35 -45.93
CA LEU A 172 -10.65 45.02 -44.90
C LEU A 172 -10.48 44.11 -43.67
N THR A 173 -9.24 43.66 -43.41
CA THR A 173 -8.92 42.74 -42.30
C THR A 173 -7.76 43.26 -41.42
N SER A 174 -6.88 44.07 -42.01
CA SER A 174 -5.74 44.64 -41.32
C SER A 174 -6.21 45.80 -40.42
N GLY A 175 -5.78 45.78 -39.16
CA GLY A 175 -6.13 46.78 -38.16
C GLY A 175 -7.50 46.59 -37.52
N VAL A 176 -8.21 45.51 -37.87
CA VAL A 176 -9.55 45.20 -37.38
C VAL A 176 -9.51 44.46 -36.03
N HIS A 177 -10.30 44.93 -35.04
CA HIS A 177 -10.49 44.27 -33.76
C HIS A 177 -11.96 44.16 -33.48
N THR A 178 -12.47 42.93 -33.48
CA THR A 178 -13.84 42.58 -33.13
C THR A 178 -13.80 41.97 -31.71
N PHE A 179 -14.32 42.71 -30.75
CA PHE A 179 -14.33 42.32 -29.35
C PHE A 179 -15.36 41.24 -29.00
N PRO A 180 -15.04 40.32 -28.05
CA PRO A 180 -16.05 39.36 -27.58
C PRO A 180 -17.24 40.14 -26.97
N ALA A 181 -18.48 39.64 -27.13
CA ALA A 181 -19.65 40.32 -26.59
C ALA A 181 -19.65 40.31 -25.07
N VAL A 182 -20.33 41.30 -24.48
CA VAL A 182 -20.57 41.41 -23.05
C VAL A 182 -22.08 41.23 -22.84
N LEU A 183 -22.46 40.57 -21.75
CA LEU A 183 -23.87 40.42 -21.41
C LEU A 183 -24.22 41.57 -20.48
N GLN A 184 -25.22 42.37 -20.87
CA GLN A 184 -25.68 43.52 -20.09
C GLN A 184 -26.69 43.06 -19.01
N SER A 185 -26.99 43.92 -18.02
CA SER A 185 -27.96 43.60 -16.94
C SER A 185 -29.36 43.29 -17.49
N SER A 186 -29.70 43.91 -18.64
CA SER A 186 -30.95 43.73 -19.39
C SER A 186 -31.11 42.31 -19.95
N GLY A 187 -30.05 41.48 -19.88
CA GLY A 187 -30.06 40.14 -20.43
C GLY A 187 -29.79 40.12 -21.92
N LEU A 188 -29.39 41.27 -22.52
CA LEU A 188 -29.08 41.41 -23.95
C LEU A 188 -27.60 41.61 -24.14
N TYR A 189 -27.08 41.20 -25.29
CA TYR A 189 -25.65 41.31 -25.57
C TYR A 189 -25.33 42.57 -26.29
N SER A 190 -24.04 42.90 -26.25
CA SER A 190 -23.50 44.05 -26.93
C SER A 190 -22.02 43.79 -27.26
N LEU A 191 -21.60 44.23 -28.46
CA LEU A 191 -20.21 44.19 -28.88
C LEU A 191 -19.85 45.37 -29.74
N SER A 192 -18.53 45.56 -29.91
CA SER A 192 -18.00 46.57 -30.79
C SER A 192 -16.92 45.95 -31.70
N SER A 193 -16.81 46.52 -32.90
CA SER A 193 -15.79 46.16 -33.89
C SER A 193 -15.15 47.47 -34.32
N VAL A 194 -13.84 47.52 -34.20
CA VAL A 194 -13.08 48.72 -34.53
C VAL A 194 -12.04 48.46 -35.62
N VAL A 195 -11.62 49.51 -36.29
CA VAL A 195 -10.58 49.46 -37.29
C VAL A 195 -9.70 50.71 -37.19
N THR A 196 -8.38 50.54 -37.32
CA THR A 196 -7.44 51.66 -37.35
C THR A 196 -7.03 51.87 -38.80
N VAL A 197 -7.25 53.10 -39.27
CA VAL A 197 -7.02 53.52 -40.66
C VAL A 197 -6.10 54.77 -40.69
N PRO A 198 -5.37 55.06 -41.79
CA PRO A 198 -4.59 56.32 -41.83
C PRO A 198 -5.55 57.50 -41.95
N SER A 199 -5.19 58.65 -41.34
CA SER A 199 -6.01 59.87 -41.36
C SER A 199 -6.28 60.40 -42.79
N SER A 200 -5.35 60.15 -43.73
CA SER A 200 -5.44 60.52 -45.14
C SER A 200 -6.63 59.84 -45.84
N SER A 201 -7.10 58.69 -45.32
CA SER A 201 -8.18 57.88 -45.85
C SER A 201 -9.59 58.40 -45.55
N LEU A 202 -9.76 59.09 -44.41
CA LEU A 202 -11.06 59.61 -43.96
C LEU A 202 -11.73 60.57 -44.97
N GLY A 203 -12.76 60.09 -45.64
CA GLY A 203 -13.45 60.88 -46.66
C GLY A 203 -12.92 60.63 -48.07
N THR A 204 -11.77 59.97 -48.18
CA THR A 204 -11.13 59.58 -49.43
C THR A 204 -11.58 58.12 -49.71
N LYS A 205 -11.60 57.29 -48.64
CA LYS A 205 -11.99 55.88 -48.63
C LYS A 205 -13.23 55.67 -47.77
N THR A 206 -14.06 54.69 -48.18
CA THR A 206 -15.29 54.28 -47.52
C THR A 206 -15.02 53.10 -46.58
N TYR A 207 -15.68 53.10 -45.42
CA TYR A 207 -15.60 52.04 -44.41
C TYR A 207 -16.99 51.61 -43.98
N THR A 208 -17.34 50.36 -44.30
CA THR A 208 -18.65 49.78 -44.00
C THR A 208 -18.46 48.53 -43.14
N CYS A 209 -19.21 48.41 -42.04
CA CYS A 209 -19.16 47.21 -41.22
C CYS A 209 -20.39 46.36 -41.53
N ASN A 210 -20.16 45.07 -41.72
CA ASN A 210 -21.18 44.10 -42.10
C ASN A 210 -21.52 43.21 -40.93
N VAL A 211 -22.74 43.37 -40.45
CA VAL A 211 -23.24 42.70 -39.28
C VAL A 211 -24.33 41.68 -39.63
N ASP A 212 -24.10 40.44 -39.15
CA ASP A 212 -24.95 39.27 -39.35
C ASP A 212 -25.32 38.61 -38.02
N HIS A 213 -26.64 38.58 -37.73
CA HIS A 213 -27.26 37.96 -36.55
C HIS A 213 -28.30 36.96 -37.08
N LYS A 214 -27.83 35.74 -37.36
CA LYS A 214 -28.62 34.63 -37.89
C LYS A 214 -29.85 34.26 -37.01
N PRO A 215 -29.80 34.22 -35.65
CA PRO A 215 -31.04 33.90 -34.89
C PRO A 215 -32.25 34.82 -35.15
N SER A 216 -32.04 36.14 -35.40
CA SER A 216 -33.16 37.05 -35.69
C SER A 216 -33.28 37.30 -37.20
N ASN A 217 -32.40 36.66 -38.00
CA ASN A 217 -32.30 36.83 -39.47
C ASN A 217 -32.02 38.29 -39.83
N THR A 218 -31.10 38.92 -39.08
CA THR A 218 -30.70 40.32 -39.26
C THR A 218 -29.39 40.42 -40.00
N LYS A 219 -29.37 41.27 -41.04
CA LYS A 219 -28.18 41.61 -41.79
C LYS A 219 -28.21 43.11 -41.95
N VAL A 220 -27.14 43.77 -41.51
CA VAL A 220 -26.97 45.22 -41.53
C VAL A 220 -25.61 45.53 -42.12
N ASP A 221 -25.56 46.57 -42.93
CA ASP A 221 -24.35 47.11 -43.53
C ASP A 221 -24.39 48.57 -43.12
N LYS A 222 -23.42 48.98 -42.29
CA LYS A 222 -23.38 50.34 -41.79
C LYS A 222 -22.12 51.04 -42.19
N ARG A 223 -22.26 52.10 -43.03
CA ARG A 223 -21.13 52.92 -43.43
C ARG A 223 -20.84 53.91 -42.29
N VAL A 224 -19.57 54.00 -41.84
CA VAL A 224 -19.20 54.88 -40.73
C VAL A 224 -18.55 56.20 -41.22
N GLU B 1 -14.71 17.34 -1.60
CA GLU B 1 -14.20 16.50 -2.71
C GLU B 1 -12.75 16.91 -3.12
N ILE B 2 -12.27 16.45 -4.31
CA ILE B 2 -10.95 16.84 -4.80
C ILE B 2 -10.97 18.28 -5.33
N VAL B 3 -9.89 19.01 -5.05
CA VAL B 3 -9.67 20.34 -5.57
C VAL B 3 -8.33 20.26 -6.33
N LEU B 4 -8.30 20.65 -7.62
CA LEU B 4 -7.07 20.65 -8.39
C LEU B 4 -6.61 22.10 -8.55
N THR B 5 -5.39 22.40 -8.11
CA THR B 5 -4.86 23.78 -8.18
C THR B 5 -3.74 23.85 -9.21
N GLN B 6 -3.95 24.64 -10.25
CA GLN B 6 -2.96 24.84 -11.32
C GLN B 6 -2.17 26.12 -11.10
N SER B 7 -0.89 26.09 -11.43
CA SER B 7 -0.02 27.27 -11.32
C SER B 7 1.01 27.29 -12.44
N PRO B 8 1.40 28.48 -12.95
CA PRO B 8 0.81 29.81 -12.66
C PRO B 8 -0.52 29.95 -13.42
N ALA B 9 -1.32 30.99 -13.15
CA ALA B 9 -2.57 31.25 -13.91
C ALA B 9 -2.20 31.59 -15.37
N THR B 10 -1.09 32.34 -15.57
CA THR B 10 -0.56 32.74 -16.88
C THR B 10 0.93 32.45 -16.95
N LEU B 11 1.36 31.84 -18.04
CA LEU B 11 2.74 31.55 -18.31
C LEU B 11 3.11 32.29 -19.61
N SER B 12 4.05 33.26 -19.54
CA SER B 12 4.44 34.08 -20.70
C SER B 12 5.79 33.67 -21.25
N LEU B 13 5.83 33.05 -22.45
CA LEU B 13 7.07 32.51 -23.04
C LEU B 13 7.21 32.78 -24.53
N SER B 14 8.38 32.49 -25.09
CA SER B 14 8.63 32.71 -26.52
C SER B 14 8.52 31.41 -27.29
N PRO B 15 8.13 31.40 -28.61
CA PRO B 15 8.13 30.13 -29.35
C PRO B 15 9.55 29.55 -29.38
N GLY B 16 9.63 28.24 -29.25
CA GLY B 16 10.91 27.54 -29.18
C GLY B 16 11.34 27.26 -27.76
N GLU B 17 10.85 28.03 -26.78
CA GLU B 17 11.17 27.80 -25.37
C GLU B 17 10.40 26.59 -24.78
N ARG B 18 10.87 26.15 -23.60
CA ARG B 18 10.33 25.03 -22.83
C ARG B 18 9.31 25.58 -21.85
N ALA B 19 8.15 24.90 -21.76
CA ALA B 19 7.06 25.28 -20.87
C ALA B 19 6.81 24.22 -19.82
N THR B 20 6.70 24.64 -18.57
CA THR B 20 6.44 23.75 -17.44
C THR B 20 5.18 24.24 -16.74
N LEU B 21 4.14 23.40 -16.69
CA LEU B 21 2.85 23.70 -16.08
C LEU B 21 2.67 22.79 -14.89
N SER B 22 2.14 23.32 -13.79
CA SER B 22 1.97 22.59 -12.53
C SER B 22 0.48 22.36 -12.17
N CYS B 23 0.19 21.24 -11.51
CA CYS B 23 -1.14 20.85 -11.00
C CYS B 23 -0.89 20.19 -9.64
N ARG B 24 -1.60 20.64 -8.60
CA ARG B 24 -1.52 20.09 -7.25
C ARG B 24 -2.89 19.59 -6.82
N ALA B 25 -2.98 18.34 -6.36
CA ALA B 25 -4.23 17.74 -5.91
C ALA B 25 -4.38 17.93 -4.39
N SER B 26 -5.61 18.17 -3.91
CA SER B 26 -5.91 18.39 -2.50
C SER B 26 -5.67 17.12 -1.67
N GLN B 27 -5.95 15.94 -2.27
CA GLN B 27 -5.75 14.60 -1.71
C GLN B 27 -5.08 13.74 -2.78
N SER B 28 -4.82 12.46 -2.48
CA SER B 28 -4.26 11.53 -3.47
C SER B 28 -5.33 11.18 -4.53
N ILE B 29 -4.86 10.99 -5.77
CA ILE B 29 -5.71 10.62 -6.92
C ILE B 29 -4.98 9.52 -7.70
N SER B 30 -4.08 8.79 -7.01
CA SER B 30 -3.21 7.75 -7.59
C SER B 30 -2.45 8.43 -8.75
N ASN B 31 -2.44 7.86 -9.96
CA ASN B 31 -1.82 8.47 -11.12
C ASN B 31 -2.90 8.88 -12.15
N ASN B 32 -4.17 8.93 -11.71
CA ASN B 32 -5.29 9.18 -12.60
C ASN B 32 -5.54 10.68 -12.82
N LEU B 33 -4.52 11.35 -13.37
CA LEU B 33 -4.44 12.77 -13.67
C LEU B 33 -4.12 12.84 -15.17
N HIS B 34 -4.92 13.63 -15.91
CA HIS B 34 -4.85 13.79 -17.37
C HIS B 34 -4.75 15.26 -17.75
N TRP B 35 -4.12 15.55 -18.91
CA TRP B 35 -3.92 16.91 -19.40
C TRP B 35 -4.68 17.20 -20.67
N TYR B 36 -5.29 18.39 -20.72
CA TYR B 36 -6.10 18.83 -21.84
C TYR B 36 -5.67 20.19 -22.34
N GLN B 37 -5.88 20.42 -23.62
CA GLN B 37 -5.61 21.70 -24.24
C GLN B 37 -6.93 22.24 -24.78
N GLN B 38 -7.13 23.56 -24.65
CA GLN B 38 -8.29 24.21 -25.24
C GLN B 38 -7.87 25.50 -25.93
N LYS B 39 -8.32 25.67 -27.16
CA LYS B 39 -8.10 26.86 -27.97
C LYS B 39 -9.46 27.58 -28.09
N PRO B 40 -9.46 28.93 -28.23
CA PRO B 40 -10.74 29.66 -28.32
C PRO B 40 -11.62 29.14 -29.45
N GLY B 41 -12.88 28.87 -29.13
CA GLY B 41 -13.88 28.36 -30.07
C GLY B 41 -13.85 26.85 -30.31
N GLN B 42 -12.98 26.12 -29.58
CA GLN B 42 -12.85 24.68 -29.74
C GLN B 42 -13.09 23.92 -28.45
N ALA B 43 -13.46 22.64 -28.59
CA ALA B 43 -13.64 21.71 -27.50
C ALA B 43 -12.25 21.31 -26.91
N PRO B 44 -12.14 20.99 -25.59
CA PRO B 44 -10.85 20.52 -25.07
C PRO B 44 -10.32 19.27 -25.82
N ARG B 45 -9.00 19.11 -25.85
CA ARG B 45 -8.31 18.01 -26.52
C ARG B 45 -7.35 17.33 -25.52
N LEU B 46 -7.41 15.99 -25.38
CA LEU B 46 -6.53 15.23 -24.49
C LEU B 46 -5.10 15.21 -25.03
N LEU B 47 -4.11 15.55 -24.19
CA LEU B 47 -2.70 15.56 -24.56
C LEU B 47 -1.91 14.41 -23.93
N ILE B 48 -2.15 14.12 -22.64
CA ILE B 48 -1.45 13.14 -21.82
C ILE B 48 -2.48 12.56 -20.90
N TYR B 49 -2.45 11.24 -20.70
CA TYR B 49 -3.36 10.59 -19.76
C TYR B 49 -2.53 9.77 -18.80
N TYR B 50 -3.09 9.43 -17.61
CA TYR B 50 -2.44 8.61 -16.59
C TYR B 50 -1.04 9.15 -16.26
N THR B 51 -0.99 10.46 -15.94
CA THR B 51 0.21 11.21 -15.51
C THR B 51 1.22 11.44 -16.64
N SER B 52 1.62 10.39 -17.37
CA SER B 52 2.70 10.48 -18.35
C SER B 52 2.49 9.69 -19.63
N ARG B 53 1.34 9.05 -19.82
CA ARG B 53 1.15 8.20 -21.00
C ARG B 53 0.79 8.99 -22.27
N SER B 54 1.33 8.53 -23.41
CA SER B 54 1.15 9.18 -24.71
C SER B 54 -0.22 8.90 -25.33
N VAL B 55 -0.73 9.90 -26.07
CA VAL B 55 -2.04 9.93 -26.70
C VAL B 55 -1.88 9.91 -28.22
N SER B 56 -2.68 9.08 -28.91
CA SER B 56 -2.71 8.93 -30.37
C SER B 56 -3.05 10.30 -31.02
N GLY B 57 -2.24 10.69 -32.00
CA GLY B 57 -2.35 11.95 -32.73
C GLY B 57 -1.66 13.14 -32.09
N ILE B 58 -1.09 12.96 -30.87
CA ILE B 58 -0.45 14.09 -30.16
C ILE B 58 1.07 14.14 -30.40
N PRO B 59 1.63 15.34 -30.71
CA PRO B 59 3.09 15.43 -30.94
C PRO B 59 3.96 15.10 -29.74
N ALA B 60 5.18 14.61 -30.04
CA ALA B 60 6.21 14.17 -29.10
C ALA B 60 6.61 15.17 -28.03
N ARG B 61 6.54 16.48 -28.33
CA ARG B 61 6.97 17.58 -27.43
C ARG B 61 6.19 17.66 -26.10
N PHE B 62 4.99 17.05 -26.07
CA PHE B 62 4.18 17.01 -24.86
C PHE B 62 4.55 15.78 -24.02
N SER B 63 4.82 15.97 -22.74
CA SER B 63 5.15 14.90 -21.79
C SER B 63 4.67 15.34 -20.41
N GLY B 64 4.37 14.39 -19.56
CA GLY B 64 3.92 14.67 -18.20
C GLY B 64 4.65 13.82 -17.19
N SER B 65 4.60 14.25 -15.93
CA SER B 65 5.21 13.54 -14.80
C SER B 65 4.46 13.95 -13.54
N GLY B 66 4.68 13.26 -12.45
CA GLY B 66 4.01 13.60 -11.21
C GLY B 66 4.06 12.56 -10.14
N SER B 67 4.56 12.98 -8.95
CA SER B 67 4.70 12.17 -7.76
C SER B 67 3.73 12.63 -6.67
N GLY B 68 2.93 11.68 -6.18
CA GLY B 68 1.94 11.88 -5.13
C GLY B 68 0.77 12.74 -5.55
N THR B 69 0.75 13.99 -5.02
CA THR B 69 -0.28 15.00 -5.27
C THR B 69 0.26 16.15 -6.15
N ASP B 70 1.52 16.07 -6.62
CA ASP B 70 2.09 17.10 -7.48
C ASP B 70 2.25 16.50 -8.86
N PHE B 71 1.83 17.26 -9.90
CA PHE B 71 1.87 16.81 -11.29
C PHE B 71 2.37 17.94 -12.17
N THR B 72 3.00 17.59 -13.29
CA THR B 72 3.62 18.55 -14.20
C THR B 72 3.39 18.18 -15.66
N LEU B 73 3.12 19.20 -16.51
CA LEU B 73 3.02 19.02 -17.95
C LEU B 73 4.14 19.83 -18.56
N THR B 74 4.97 19.20 -19.41
CA THR B 74 6.08 19.84 -20.10
C THR B 74 5.83 19.85 -21.60
N ILE B 75 6.08 21.01 -22.25
CA ILE B 75 6.12 21.18 -23.71
C ILE B 75 7.61 21.50 -23.92
N SER B 76 8.37 20.54 -24.50
CA SER B 76 9.83 20.65 -24.67
C SER B 76 10.25 21.88 -25.48
N SER B 77 9.47 22.27 -26.52
CA SER B 77 9.75 23.41 -27.37
C SER B 77 8.42 23.88 -27.92
N LEU B 78 7.97 25.08 -27.48
CA LEU B 78 6.69 25.65 -27.88
C LEU B 78 6.58 25.98 -29.36
N GLU B 79 5.51 25.48 -30.01
CA GLU B 79 5.19 25.78 -31.39
C GLU B 79 4.14 26.93 -31.36
N PRO B 80 3.95 27.73 -32.45
CA PRO B 80 2.95 28.83 -32.40
C PRO B 80 1.54 28.37 -32.02
N GLU B 81 1.17 27.13 -32.42
CA GLU B 81 -0.11 26.48 -32.11
C GLU B 81 -0.25 26.04 -30.62
N ASP B 82 0.83 26.11 -29.82
CA ASP B 82 0.80 25.69 -28.41
C ASP B 82 0.36 26.78 -27.44
N PHE B 83 0.27 28.03 -27.91
CA PHE B 83 -0.16 29.12 -27.06
C PHE B 83 -1.66 29.01 -26.96
N ALA B 84 -2.14 28.43 -25.82
CA ALA B 84 -3.54 28.09 -25.56
C ALA B 84 -3.75 27.97 -24.03
N VAL B 85 -4.93 27.40 -23.62
CA VAL B 85 -5.27 27.15 -22.20
C VAL B 85 -5.10 25.64 -21.94
N TYR B 86 -4.51 25.28 -20.79
CA TYR B 86 -4.27 23.88 -20.44
C TYR B 86 -4.92 23.54 -19.13
N TYR B 87 -5.66 22.42 -19.08
CA TYR B 87 -6.35 21.93 -17.89
C TYR B 87 -5.82 20.59 -17.46
N CYS B 88 -5.76 20.37 -16.15
CA CYS B 88 -5.49 19.04 -15.60
C CYS B 88 -6.86 18.54 -15.18
N GLY B 89 -7.06 17.23 -15.23
CA GLY B 89 -8.34 16.63 -14.86
C GLY B 89 -8.14 15.29 -14.19
N GLN B 90 -8.81 15.07 -13.08
CA GLN B 90 -8.71 13.77 -12.41
C GLN B 90 -10.00 12.95 -12.63
N ASN B 91 -9.86 11.61 -12.71
CA ASN B 91 -10.97 10.69 -12.82
C ASN B 91 -10.73 9.46 -11.91
N ASN B 92 -9.90 9.63 -10.86
CA ASN B 92 -9.66 8.58 -9.85
C ASN B 92 -10.96 8.30 -9.10
N GLU B 93 -11.74 9.36 -8.84
CA GLU B 93 -13.03 9.35 -8.17
C GLU B 93 -14.00 10.27 -8.86
N TRP B 94 -15.29 9.94 -8.74
CA TRP B 94 -16.38 10.78 -9.22
C TRP B 94 -16.90 11.63 -8.04
N PRO B 95 -17.27 12.90 -8.26
CA PRO B 95 -17.26 13.64 -9.54
C PRO B 95 -15.84 13.91 -10.07
N GLU B 96 -15.67 13.81 -11.39
CA GLU B 96 -14.41 14.19 -12.07
C GLU B 96 -14.18 15.69 -11.78
N VAL B 97 -12.94 16.13 -11.60
CA VAL B 97 -12.60 17.52 -11.28
C VAL B 97 -11.53 18.01 -12.24
N PHE B 98 -11.64 19.28 -12.70
CA PHE B 98 -10.63 19.92 -13.53
C PHE B 98 -9.99 21.07 -12.75
N GLY B 99 -8.75 21.40 -13.08
CA GLY B 99 -8.08 22.56 -12.52
C GLY B 99 -8.66 23.81 -13.17
N GLY B 100 -8.35 24.99 -12.62
CA GLY B 100 -8.83 26.26 -13.13
C GLY B 100 -8.20 26.71 -14.43
N GLY B 101 -7.21 25.95 -14.93
CA GLY B 101 -6.55 26.26 -16.19
C GLY B 101 -5.33 27.17 -16.08
N THR B 102 -4.41 27.03 -17.04
CA THR B 102 -3.21 27.87 -17.19
C THR B 102 -3.20 28.37 -18.63
N LYS B 103 -3.14 29.69 -18.82
CA LYS B 103 -3.03 30.23 -20.14
C LYS B 103 -1.53 30.38 -20.48
N VAL B 104 -1.13 29.91 -21.67
CA VAL B 104 0.25 30.06 -22.11
C VAL B 104 0.21 31.15 -23.20
N GLU B 105 0.80 32.31 -22.92
CA GLU B 105 0.80 33.43 -23.86
C GLU B 105 2.21 33.74 -24.42
N ILE B 106 2.28 34.42 -25.58
CA ILE B 106 3.53 34.81 -26.20
C ILE B 106 4.11 35.97 -25.43
N LYS B 107 5.36 35.84 -25.01
CA LYS B 107 6.09 36.90 -24.32
C LYS B 107 6.56 37.94 -25.37
N ARG B 108 6.47 39.22 -25.04
CA ARG B 108 6.94 40.25 -25.96
C ARG B 108 7.33 41.46 -25.17
N THR B 109 7.88 42.49 -25.86
CA THR B 109 8.30 43.73 -25.21
C THR B 109 7.05 44.50 -24.76
N VAL B 110 7.21 45.33 -23.73
CA VAL B 110 6.16 46.19 -23.20
C VAL B 110 5.77 47.19 -24.32
N ALA B 111 4.47 47.31 -24.58
CA ALA B 111 3.94 48.22 -25.60
C ALA B 111 2.77 49.00 -24.98
N ALA B 112 2.88 50.33 -24.94
CA ALA B 112 1.83 51.20 -24.39
C ALA B 112 0.65 51.23 -25.36
N PRO B 113 -0.62 51.32 -24.86
CA PRO B 113 -1.75 51.39 -25.80
C PRO B 113 -1.92 52.76 -26.44
N SER B 114 -2.47 52.77 -27.66
CA SER B 114 -2.96 53.95 -28.35
C SER B 114 -4.41 54.04 -27.83
N VAL B 115 -4.76 55.15 -27.16
CA VAL B 115 -6.08 55.34 -26.55
C VAL B 115 -6.94 56.26 -27.42
N PHE B 116 -8.22 55.87 -27.66
CA PHE B 116 -9.24 56.57 -28.43
C PHE B 116 -10.54 56.61 -27.64
N ILE B 117 -11.26 57.73 -27.71
CA ILE B 117 -12.56 57.91 -27.06
C ILE B 117 -13.61 58.20 -28.16
N PHE B 118 -14.82 57.66 -28.01
CA PHE B 118 -15.90 57.81 -28.98
C PHE B 118 -17.16 58.29 -28.26
N PRO B 119 -17.68 59.48 -28.61
CA PRO B 119 -18.94 59.93 -28.01
C PRO B 119 -20.12 59.12 -28.58
N PRO B 120 -21.30 59.09 -27.90
CA PRO B 120 -22.43 58.37 -28.51
C PRO B 120 -22.85 59.02 -29.83
N SER B 121 -23.49 58.23 -30.70
CA SER B 121 -23.98 58.73 -31.99
C SER B 121 -25.35 59.38 -31.72
N ASP B 122 -25.75 60.33 -32.59
CA ASP B 122 -27.03 61.04 -32.55
C ASP B 122 -28.18 60.04 -32.69
N GLU B 123 -27.99 59.03 -33.54
CA GLU B 123 -28.89 57.90 -33.80
C GLU B 123 -29.16 57.15 -32.49
N GLN B 124 -28.11 56.92 -31.65
CA GLN B 124 -28.30 56.26 -30.36
C GLN B 124 -29.00 57.20 -29.40
N LEU B 125 -28.57 58.47 -29.36
CA LEU B 125 -29.17 59.50 -28.52
C LEU B 125 -30.68 59.67 -28.76
N LYS B 126 -31.14 59.52 -30.01
CA LYS B 126 -32.57 59.59 -30.33
C LYS B 126 -33.32 58.38 -29.74
N SER B 127 -32.63 57.23 -29.53
CA SER B 127 -33.24 56.03 -28.93
C SER B 127 -33.45 56.20 -27.39
N GLY B 128 -32.73 57.12 -26.75
CA GLY B 128 -32.83 57.37 -25.31
C GLY B 128 -31.72 56.77 -24.44
N THR B 129 -30.61 56.35 -25.08
CA THR B 129 -29.44 55.77 -24.40
C THR B 129 -28.15 56.41 -24.94
N ALA B 130 -27.09 56.42 -24.11
CA ALA B 130 -25.79 56.95 -24.49
C ALA B 130 -24.67 56.01 -24.04
N SER B 131 -23.95 55.45 -25.02
CA SER B 131 -22.79 54.59 -24.81
C SER B 131 -21.57 55.38 -25.22
N VAL B 132 -20.60 55.50 -24.32
CA VAL B 132 -19.33 56.21 -24.55
C VAL B 132 -18.32 55.07 -24.55
N VAL B 133 -17.48 55.02 -25.58
CA VAL B 133 -16.53 53.95 -25.78
C VAL B 133 -15.09 54.47 -25.71
N CYS B 134 -14.25 53.76 -24.95
CA CYS B 134 -12.83 54.00 -24.78
C CYS B 134 -12.12 52.77 -25.37
N LEU B 135 -11.22 52.98 -26.35
CA LEU B 135 -10.44 51.91 -26.98
C LEU B 135 -8.96 52.03 -26.63
N LEU B 136 -8.36 50.94 -26.12
CA LEU B 136 -6.93 50.80 -25.83
C LEU B 136 -6.42 49.83 -26.90
N ASN B 137 -5.66 50.34 -27.83
CA ASN B 137 -5.21 49.60 -29.00
C ASN B 137 -3.78 49.11 -28.93
N ASN B 138 -3.62 47.79 -29.22
CA ASN B 138 -2.37 47.04 -29.38
C ASN B 138 -1.34 47.30 -28.27
N PHE B 139 -1.62 46.82 -27.07
CA PHE B 139 -0.76 46.99 -25.92
C PHE B 139 -0.28 45.64 -25.35
N TYR B 140 0.79 45.67 -24.56
CA TYR B 140 1.36 44.51 -23.88
C TYR B 140 2.12 44.96 -22.62
N PRO B 141 1.98 44.28 -21.44
CA PRO B 141 1.12 43.11 -21.13
C PRO B 141 -0.37 43.42 -21.05
N ARG B 142 -1.18 42.36 -20.84
CA ARG B 142 -2.65 42.45 -20.76
C ARG B 142 -3.21 43.35 -19.62
N GLU B 143 -2.51 43.47 -18.50
CA GLU B 143 -3.00 44.24 -17.35
C GLU B 143 -3.06 45.74 -17.65
N ALA B 144 -4.23 46.33 -17.48
CA ALA B 144 -4.53 47.73 -17.78
C ALA B 144 -5.68 48.19 -16.94
N LYS B 145 -5.61 49.44 -16.48
CA LYS B 145 -6.66 50.04 -15.66
C LYS B 145 -7.30 51.17 -16.45
N VAL B 146 -8.62 51.08 -16.70
CA VAL B 146 -9.41 52.10 -17.38
C VAL B 146 -10.40 52.65 -16.33
N GLN B 147 -10.39 53.99 -16.14
CA GLN B 147 -11.25 54.69 -15.18
C GLN B 147 -12.06 55.81 -15.87
N TRP B 148 -13.39 55.71 -15.79
CA TRP B 148 -14.33 56.69 -16.35
C TRP B 148 -14.59 57.82 -15.32
N LYS B 149 -14.55 59.05 -15.79
CA LYS B 149 -14.73 60.24 -14.99
C LYS B 149 -15.68 61.13 -15.77
N VAL B 150 -16.79 61.46 -15.14
CA VAL B 150 -17.84 62.30 -15.70
C VAL B 150 -17.90 63.57 -14.83
N ASP B 151 -17.44 64.70 -15.37
CA ASP B 151 -17.30 65.99 -14.67
C ASP B 151 -16.51 65.82 -13.36
N ASN B 152 -15.41 65.04 -13.43
CA ASN B 152 -14.52 64.72 -12.32
C ASN B 152 -15.06 63.67 -11.33
N ALA B 153 -16.30 63.15 -11.55
CA ALA B 153 -16.90 62.11 -10.71
C ALA B 153 -16.55 60.72 -11.26
N LEU B 154 -15.82 59.92 -10.45
CA LEU B 154 -15.37 58.56 -10.76
C LEU B 154 -16.56 57.65 -10.84
N GLN B 155 -16.66 56.92 -11.96
CA GLN B 155 -17.78 56.02 -12.28
C GLN B 155 -17.44 54.59 -11.91
N SER B 156 -18.40 53.82 -11.42
CA SER B 156 -18.22 52.39 -11.15
C SER B 156 -19.51 51.64 -11.31
N GLY B 157 -19.42 50.47 -11.91
CA GLY B 157 -20.54 49.57 -12.13
C GLY B 157 -21.46 49.87 -13.29
N ASN B 158 -21.20 50.95 -14.06
CA ASN B 158 -22.01 51.35 -15.23
C ASN B 158 -21.19 51.18 -16.55
N SER B 159 -20.14 50.37 -16.49
CA SER B 159 -19.29 50.12 -17.66
C SER B 159 -18.87 48.67 -17.74
N GLN B 160 -18.57 48.22 -18.95
CA GLN B 160 -18.17 46.84 -19.26
C GLN B 160 -17.00 46.89 -20.18
N GLU B 161 -16.04 46.01 -19.90
CA GLU B 161 -14.80 45.86 -20.64
C GLU B 161 -14.83 44.54 -21.42
N SER B 162 -14.08 44.52 -22.50
CA SER B 162 -13.95 43.39 -23.38
C SER B 162 -12.56 43.45 -23.92
N VAL B 163 -11.86 42.31 -23.90
CA VAL B 163 -10.46 42.23 -24.30
C VAL B 163 -10.35 41.20 -25.43
N THR B 164 -9.56 41.49 -26.45
CA THR B 164 -9.37 40.52 -27.55
C THR B 164 -8.37 39.44 -27.06
N GLU B 165 -8.24 38.37 -27.86
CA GLU B 165 -7.28 37.28 -27.66
C GLU B 165 -5.97 37.89 -28.15
N GLN B 166 -4.81 37.36 -27.72
CA GLN B 166 -3.50 37.89 -28.15
C GLN B 166 -3.37 37.86 -29.68
N ASP B 167 -2.94 38.98 -30.27
CA ASP B 167 -2.84 39.10 -31.72
C ASP B 167 -1.78 38.15 -32.32
N SER B 168 -2.14 37.44 -33.40
CA SER B 168 -1.29 36.46 -34.09
C SER B 168 -0.03 37.06 -34.76
N LYS B 169 -0.09 38.33 -35.15
CA LYS B 169 0.99 39.01 -35.86
C LYS B 169 1.97 39.75 -34.95
N ASP B 170 1.46 40.57 -34.01
CA ASP B 170 2.33 41.38 -33.15
C ASP B 170 2.24 41.02 -31.64
N SER B 171 1.46 39.98 -31.28
CA SER B 171 1.30 39.46 -29.91
C SER B 171 0.79 40.50 -28.86
N THR B 172 0.06 41.51 -29.32
CA THR B 172 -0.48 42.54 -28.44
C THR B 172 -1.95 42.20 -28.13
N TYR B 173 -2.54 42.98 -27.21
CA TYR B 173 -3.94 42.88 -26.82
C TYR B 173 -4.60 44.19 -27.16
N SER B 174 -5.93 44.16 -27.29
CA SER B 174 -6.73 45.37 -27.43
C SER B 174 -7.91 45.30 -26.45
N LEU B 175 -8.33 46.43 -25.94
CA LEU B 175 -9.42 46.46 -24.93
C LEU B 175 -10.35 47.62 -25.24
N SER B 176 -11.65 47.35 -25.10
CA SER B 176 -12.67 48.38 -25.20
C SER B 176 -13.43 48.42 -23.85
N SER B 177 -13.70 49.64 -23.37
CA SER B 177 -14.52 49.90 -22.17
C SER B 177 -15.68 50.78 -22.67
N THR B 178 -16.90 50.36 -22.36
CA THR B 178 -18.11 51.03 -22.77
C THR B 178 -18.87 51.47 -21.52
N LEU B 179 -19.12 52.80 -21.40
CA LEU B 179 -19.88 53.45 -20.34
C LEU B 179 -21.31 53.67 -20.83
N THR B 180 -22.31 53.10 -20.18
CA THR B 180 -23.69 53.29 -20.62
C THR B 180 -24.51 54.13 -19.63
N LEU B 181 -25.14 55.20 -20.14
CA LEU B 181 -26.02 56.11 -19.43
C LEU B 181 -27.36 56.27 -20.19
N SER B 182 -28.36 56.85 -19.50
CA SER B 182 -29.63 57.21 -20.13
C SER B 182 -29.33 58.55 -20.79
N LYS B 183 -30.11 58.93 -21.81
CA LYS B 183 -29.98 60.22 -22.51
C LYS B 183 -30.09 61.36 -21.49
N ALA B 184 -31.06 61.25 -20.56
CA ALA B 184 -31.32 62.23 -19.48
C ALA B 184 -30.09 62.44 -18.62
N ASP B 185 -29.45 61.34 -18.13
CA ASP B 185 -28.23 61.41 -17.32
C ASP B 185 -27.10 61.99 -18.13
N TYR B 186 -26.91 61.49 -19.36
CA TYR B 186 -25.86 61.97 -20.26
C TYR B 186 -25.91 63.49 -20.52
N GLU B 187 -27.12 64.04 -20.70
CA GLU B 187 -27.33 65.47 -20.96
C GLU B 187 -27.16 66.37 -19.72
N LYS B 188 -27.03 65.78 -18.51
CA LYS B 188 -26.84 66.56 -17.29
C LYS B 188 -25.35 66.91 -17.10
N HIS B 189 -24.44 66.34 -17.90
CA HIS B 189 -23.01 66.55 -17.73
C HIS B 189 -22.28 67.00 -18.99
N LYS B 190 -21.12 67.62 -18.80
CA LYS B 190 -20.32 68.14 -19.89
C LYS B 190 -19.09 67.29 -20.20
N VAL B 191 -18.17 67.08 -19.23
CA VAL B 191 -16.87 66.39 -19.47
C VAL B 191 -16.94 64.88 -19.23
N TYR B 192 -16.58 64.11 -20.28
CA TYR B 192 -16.55 62.65 -20.32
C TYR B 192 -15.11 62.28 -20.61
N ALA B 193 -14.49 61.49 -19.71
CA ALA B 193 -13.08 61.11 -19.81
C ALA B 193 -12.78 59.68 -19.38
N CYS B 194 -11.81 59.03 -20.03
CA CYS B 194 -11.32 57.71 -19.63
C CYS B 194 -9.83 57.86 -19.36
N GLU B 195 -9.42 57.44 -18.17
CA GLU B 195 -8.04 57.54 -17.69
C GLU B 195 -7.44 56.16 -17.68
N VAL B 196 -6.36 56.00 -18.44
CA VAL B 196 -5.71 54.74 -18.67
C VAL B 196 -4.38 54.64 -17.95
N THR B 197 -4.20 53.55 -17.17
CA THR B 197 -3.00 53.21 -16.42
C THR B 197 -2.46 51.88 -17.01
N HIS B 198 -1.19 51.88 -17.42
CA HIS B 198 -0.55 50.71 -18.03
C HIS B 198 0.95 50.84 -17.86
N GLN B 199 1.63 49.70 -17.72
CA GLN B 199 3.08 49.56 -17.54
C GLN B 199 3.92 50.33 -18.57
N GLY B 200 3.45 50.40 -19.81
CA GLY B 200 4.13 51.13 -20.89
C GLY B 200 3.96 52.64 -20.85
N LEU B 201 3.21 53.16 -19.86
CA LEU B 201 2.96 54.60 -19.72
C LEU B 201 3.59 55.11 -18.43
N SER B 202 4.44 56.15 -18.55
CA SER B 202 5.15 56.84 -17.45
C SER B 202 4.17 57.48 -16.47
N SER B 203 3.02 57.96 -16.99
CA SER B 203 1.95 58.59 -16.21
C SER B 203 0.58 58.24 -16.87
N PRO B 204 -0.55 58.22 -16.10
CA PRO B 204 -1.86 57.91 -16.72
C PRO B 204 -2.28 58.85 -17.86
N VAL B 205 -2.76 58.25 -18.97
CA VAL B 205 -3.21 58.98 -20.15
C VAL B 205 -4.71 59.21 -20.06
N THR B 206 -5.17 60.46 -20.31
CA THR B 206 -6.60 60.81 -20.29
C THR B 206 -7.09 61.31 -21.65
N LYS B 207 -8.16 60.69 -22.18
CA LYS B 207 -8.82 61.07 -23.42
C LYS B 207 -10.20 61.52 -22.99
N SER B 208 -10.65 62.65 -23.53
CA SER B 208 -11.93 63.26 -23.20
C SER B 208 -12.56 64.07 -24.33
N PHE B 209 -13.84 64.38 -24.13
CA PHE B 209 -14.63 65.24 -24.97
C PHE B 209 -15.63 65.95 -24.05
N ASN B 210 -16.10 67.13 -24.51
CA ASN B 210 -17.16 67.91 -23.88
C ASN B 210 -18.41 67.60 -24.70
N ARG B 211 -19.54 67.27 -24.04
CA ARG B 211 -20.82 66.98 -24.71
C ARG B 211 -21.27 68.14 -25.65
N GLY B 212 -20.70 69.34 -25.48
CA GLY B 212 -20.95 70.49 -26.34
C GLY B 212 -20.52 70.28 -27.79
N GLU B 213 -19.28 69.77 -28.00
CA GLU B 213 -18.66 69.49 -29.30
C GLU B 213 -19.23 68.23 -29.94
N PCA C 1 -5.63 -16.55 36.21
CA PCA C 1 -4.28 -16.76 35.67
CB PCA C 1 -3.57 -17.85 36.46
CG PCA C 1 -4.40 -17.86 37.75
CD PCA C 1 -5.74 -17.17 37.41
OE PCA C 1 -6.76 -17.21 38.09
C PCA C 1 -4.31 -17.05 34.17
O PCA C 1 -5.05 -17.91 33.73
N VAL C 2 -3.54 -16.28 33.40
CA VAL C 2 -3.44 -16.44 31.94
C VAL C 2 -2.32 -17.50 31.70
N GLN C 3 -2.73 -18.67 31.16
CA GLN C 3 -1.83 -19.79 30.91
C GLN C 3 -2.24 -20.74 29.85
N LEU C 4 -1.24 -21.48 29.31
CA LEU C 4 -1.43 -22.58 28.36
C LEU C 4 -0.83 -23.81 29.07
N VAL C 5 -1.68 -24.76 29.46
CA VAL C 5 -1.23 -25.93 30.21
C VAL C 5 -1.24 -27.16 29.32
N GLN C 6 -0.05 -27.69 29.07
CA GLN C 6 0.13 -28.86 28.24
C GLN C 6 0.09 -30.16 29.03
N SER C 7 -0.25 -31.27 28.36
CA SER C 7 -0.25 -32.60 28.96
C SER C 7 1.21 -33.06 29.26
N GLY C 8 1.37 -34.08 30.12
CA GLY C 8 2.67 -34.61 30.54
C GLY C 8 3.52 -35.29 29.50
N ALA C 9 4.80 -35.55 29.84
CA ALA C 9 5.79 -36.23 29.01
C ALA C 9 5.30 -37.59 28.47
N GLU C 10 5.75 -37.96 27.26
CA GLU C 10 5.31 -39.16 26.57
C GLU C 10 6.47 -39.98 26.06
N VAL C 11 6.31 -41.32 26.13
CA VAL C 11 7.26 -42.28 25.63
C VAL C 11 6.49 -43.11 24.59
N LYS C 12 7.05 -43.22 23.39
CA LYS C 12 6.39 -43.93 22.31
C LYS C 12 7.37 -44.74 21.53
N LYS C 13 6.90 -45.86 20.99
CA LYS C 13 7.70 -46.73 20.18
C LYS C 13 7.76 -46.17 18.75
N PRO C 14 8.82 -46.44 17.95
CA PRO C 14 8.82 -45.96 16.55
C PRO C 14 7.66 -46.57 15.77
N GLY C 15 7.01 -45.75 14.92
CA GLY C 15 5.84 -46.14 14.13
C GLY C 15 4.53 -45.84 14.80
N ALA C 16 4.55 -45.55 16.10
CA ALA C 16 3.32 -45.24 16.85
C ALA C 16 2.91 -43.74 16.67
N SER C 17 1.85 -43.30 17.37
CA SER C 17 1.36 -41.92 17.29
C SER C 17 1.23 -41.35 18.70
N VAL C 18 1.26 -40.02 18.79
CA VAL C 18 1.16 -39.32 20.07
C VAL C 18 0.15 -38.20 19.95
N LYS C 19 -0.65 -37.98 20.99
CA LYS C 19 -1.60 -36.89 21.00
C LYS C 19 -1.33 -36.06 22.22
N VAL C 20 -0.95 -34.81 21.98
CA VAL C 20 -0.60 -33.80 22.98
C VAL C 20 -1.73 -32.78 23.07
N SER C 21 -2.13 -32.41 24.27
CA SER C 21 -3.15 -31.42 24.50
C SER C 21 -2.54 -30.11 25.06
N CYS C 22 -3.28 -29.02 24.87
CA CYS C 22 -2.90 -27.68 25.33
C CYS C 22 -4.18 -26.99 25.82
N LYS C 23 -4.29 -26.81 27.13
CA LYS C 23 -5.49 -26.21 27.73
C LYS C 23 -5.25 -24.75 28.04
N ALA C 24 -6.08 -23.89 27.47
CA ALA C 24 -6.03 -22.45 27.67
C ALA C 24 -6.93 -22.08 28.85
N SER C 25 -6.50 -21.10 29.65
CA SER C 25 -7.31 -20.53 30.74
C SER C 25 -6.93 -19.07 31.01
N GLY C 26 -7.91 -18.31 31.51
CA GLY C 26 -7.77 -16.91 31.91
C GLY C 26 -7.87 -15.88 30.81
N TYR C 27 -8.22 -16.32 29.58
CA TYR C 27 -8.30 -15.41 28.45
C TYR C 27 -9.40 -15.83 27.46
N GLU C 28 -9.72 -14.96 26.50
CA GLU C 28 -10.72 -15.27 25.49
C GLU C 28 -10.18 -16.21 24.41
N PHE C 29 -10.47 -17.52 24.57
CA PHE C 29 -10.05 -18.63 23.71
C PHE C 29 -10.23 -18.34 22.21
N THR C 30 -11.39 -17.78 21.85
CA THR C 30 -11.81 -17.49 20.47
C THR C 30 -11.11 -16.30 19.84
N SER C 31 -10.25 -15.61 20.58
CA SER C 31 -9.58 -14.39 20.12
C SER C 31 -8.08 -14.57 19.71
N TYR C 32 -7.51 -15.76 19.92
CA TYR C 32 -6.10 -16.03 19.62
C TYR C 32 -5.91 -17.29 18.76
N TRP C 33 -4.98 -17.26 17.78
CA TRP C 33 -4.61 -18.49 17.07
C TRP C 33 -3.78 -19.35 18.04
N ILE C 34 -3.82 -20.69 17.86
CA ILE C 34 -2.94 -21.61 18.63
C ILE C 34 -1.94 -22.25 17.69
N HIS C 35 -0.64 -21.99 17.93
CA HIS C 35 0.44 -22.58 17.15
C HIS C 35 1.09 -23.78 17.88
N TRP C 36 1.71 -24.69 17.09
CA TRP C 36 2.48 -25.84 17.57
C TRP C 36 3.85 -25.68 17.00
N VAL C 37 4.83 -25.55 17.89
CA VAL C 37 6.25 -25.33 17.60
C VAL C 37 7.07 -26.44 18.31
N ARG C 38 7.97 -27.08 17.59
CA ARG C 38 8.80 -28.07 18.25
C ARG C 38 10.30 -27.68 18.28
N GLN C 39 11.00 -28.26 19.24
CA GLN C 39 12.42 -28.10 19.43
C GLN C 39 13.09 -29.45 19.72
N ALA C 40 13.80 -29.97 18.73
CA ALA C 40 14.61 -31.19 18.82
C ALA C 40 15.86 -30.89 19.69
N PRO C 41 16.44 -31.89 20.43
CA PRO C 41 17.57 -31.61 21.33
C PRO C 41 18.74 -30.86 20.70
N GLY C 42 19.14 -29.78 21.40
CA GLY C 42 20.19 -28.86 20.95
C GLY C 42 19.90 -28.07 19.69
N GLN C 43 18.63 -28.09 19.18
CA GLN C 43 18.24 -27.40 17.92
C GLN C 43 17.36 -26.17 18.14
N GLY C 44 17.04 -25.50 17.04
CA GLY C 44 16.19 -24.32 17.04
C GLY C 44 14.72 -24.65 17.06
N LEU C 45 13.88 -23.66 16.75
CA LEU C 45 12.43 -23.86 16.75
C LEU C 45 11.86 -24.13 15.36
N GLU C 46 10.87 -25.03 15.30
CA GLU C 46 10.22 -25.38 14.05
C GLU C 46 8.70 -25.38 14.19
N TRP C 47 8.03 -24.54 13.37
CA TRP C 47 6.59 -24.39 13.34
C TRP C 47 5.97 -25.60 12.63
N MET C 48 5.00 -26.21 13.27
CA MET C 48 4.34 -27.39 12.74
C MET C 48 3.04 -27.05 12.07
N GLY C 49 2.35 -26.10 12.66
CA GLY C 49 1.10 -25.62 12.14
C GLY C 49 0.35 -24.88 13.19
N ASN C 50 -0.90 -24.57 12.89
CA ASN C 50 -1.74 -23.86 13.83
C ASN C 50 -3.19 -24.32 13.64
N ILE C 51 -4.05 -23.85 14.52
CA ILE C 51 -5.46 -24.13 14.48
C ILE C 51 -6.23 -22.89 14.92
N SER C 52 -7.44 -22.73 14.36
CA SER C 52 -8.34 -21.65 14.76
C SER C 52 -9.32 -22.15 15.80
N PRO C 53 -9.43 -21.46 16.94
CA PRO C 53 -10.43 -21.86 17.96
C PRO C 53 -11.85 -21.60 17.52
N ASN C 54 -12.06 -20.74 16.50
CA ASN C 54 -13.37 -20.40 15.96
C ASN C 54 -13.86 -21.40 14.92
N SER C 55 -13.11 -21.59 13.83
CA SER C 55 -13.50 -22.52 12.76
C SER C 55 -13.11 -24.01 13.02
N GLY C 56 -12.12 -24.26 13.87
CA GLY C 56 -11.62 -25.62 14.15
C GLY C 56 -10.75 -26.14 13.01
N SER C 57 -10.47 -25.25 12.03
CA SER C 57 -9.65 -25.56 10.86
C SER C 57 -8.16 -25.17 11.09
N ALA C 58 -7.30 -26.03 10.63
CA ALA C 58 -5.87 -26.07 10.85
C ALA C 58 -5.07 -25.86 9.63
N ASN C 59 -3.88 -25.24 9.81
CA ASN C 59 -2.92 -24.98 8.76
C ASN C 59 -1.65 -25.68 9.17
N TYR C 60 -1.09 -26.47 8.26
CA TYR C 60 0.08 -27.28 8.52
C TYR C 60 1.31 -26.91 7.74
N ASN C 61 2.49 -27.20 8.29
CA ASN C 61 3.75 -27.08 7.59
C ASN C 61 3.73 -28.34 6.66
N GLU C 62 4.01 -28.15 5.36
CA GLU C 62 4.04 -29.20 4.32
C GLU C 62 4.91 -30.38 4.72
N LYS C 63 5.98 -30.08 5.48
CA LYS C 63 6.93 -31.05 6.05
C LYS C 63 6.21 -32.09 6.92
N PHE C 64 5.14 -31.66 7.64
CA PHE C 64 4.43 -32.54 8.56
C PHE C 64 3.04 -32.96 8.13
N LYS C 65 2.46 -32.22 7.13
CA LYS C 65 1.11 -32.38 6.60
C LYS C 65 0.62 -33.84 6.48
N SER C 66 1.48 -34.76 5.98
CA SER C 66 1.16 -36.18 5.78
C SER C 66 0.94 -36.99 7.07
N ARG C 67 1.45 -36.53 8.24
CA ARG C 67 1.29 -37.30 9.48
C ARG C 67 0.91 -36.46 10.73
N VAL C 68 0.34 -35.25 10.54
CA VAL C 68 -0.08 -34.39 11.66
CA VAL C 68 -0.07 -34.40 11.65
C VAL C 68 -1.57 -34.02 11.54
N THR C 69 -2.28 -33.96 12.67
CA THR C 69 -3.67 -33.53 12.81
C THR C 69 -3.80 -32.59 14.03
N MET C 70 -4.32 -31.37 13.80
CA MET C 70 -4.59 -30.44 14.89
C MET C 70 -6.05 -30.25 14.97
N THR C 71 -6.61 -30.35 16.19
CA THR C 71 -8.05 -30.26 16.45
C THR C 71 -8.27 -29.40 17.69
N ARG C 72 -9.49 -28.91 17.85
CA ARG C 72 -9.86 -28.09 19.00
C ARG C 72 -11.16 -28.55 19.60
N ASP C 73 -11.33 -28.27 20.89
CA ASP C 73 -12.52 -28.53 21.71
C ASP C 73 -12.89 -27.24 22.49
N THR C 74 -13.87 -26.49 21.98
CA THR C 74 -14.34 -25.23 22.57
C THR C 74 -14.97 -25.40 23.99
N SER C 75 -15.65 -26.53 24.23
CA SER C 75 -16.27 -26.82 25.52
C SER C 75 -15.25 -26.87 26.66
N THR C 76 -14.01 -27.31 26.38
CA THR C 76 -12.93 -27.40 27.36
C THR C 76 -11.81 -26.38 27.14
N SER C 77 -11.89 -25.56 26.07
CA SER C 77 -10.85 -24.57 25.69
C SER C 77 -9.48 -25.27 25.48
N THR C 78 -9.51 -26.44 24.79
CA THR C 78 -8.34 -27.31 24.59
C THR C 78 -8.07 -27.59 23.13
N VAL C 79 -6.80 -27.51 22.77
CA VAL C 79 -6.33 -27.84 21.43
C VAL C 79 -5.46 -29.07 21.51
N TYR C 80 -5.47 -29.86 20.46
CA TYR C 80 -4.72 -31.08 20.42
C TYR C 80 -3.88 -31.13 19.17
N MET C 81 -2.74 -31.79 19.30
CA MET C 81 -1.86 -32.06 18.18
C MET C 81 -1.57 -33.56 18.22
N GLU C 82 -1.80 -34.23 17.11
CA GLU C 82 -1.51 -35.62 16.95
C GLU C 82 -0.43 -35.79 15.89
N LEU C 83 0.66 -36.49 16.26
CA LEU C 83 1.78 -36.73 15.34
C LEU C 83 1.93 -38.24 15.19
N SER C 84 1.93 -38.74 13.95
CA SER C 84 1.97 -40.18 13.69
C SER C 84 3.23 -40.64 12.99
N SER C 85 3.36 -41.99 12.76
CA SER C 85 4.49 -42.68 12.13
C SER C 85 5.81 -42.17 12.74
N LEU C 86 5.82 -42.12 14.08
CA LEU C 86 6.89 -41.59 14.92
C LEU C 86 8.25 -42.23 14.65
N ARG C 87 9.29 -41.41 14.58
CA ARG C 87 10.68 -41.79 14.33
C ARG C 87 11.60 -41.09 15.32
N SER C 88 12.86 -41.53 15.44
CA SER C 88 13.86 -40.95 16.35
C SER C 88 13.90 -39.43 16.24
N GLU C 89 13.85 -38.87 15.02
CA GLU C 89 13.88 -37.41 14.74
C GLU C 89 12.69 -36.64 15.35
N ASP C 90 11.67 -37.34 15.85
CA ASP C 90 10.50 -36.73 16.45
C ASP C 90 10.65 -36.55 17.95
N THR C 91 11.77 -37.05 18.52
CA THR C 91 12.09 -36.87 19.93
C THR C 91 12.36 -35.39 20.07
N ALA C 92 11.45 -34.71 20.77
CA ALA C 92 11.49 -33.26 20.87
C ALA C 92 10.57 -32.76 21.94
N VAL C 93 10.75 -31.46 22.34
CA VAL C 93 9.80 -30.75 23.21
C VAL C 93 8.81 -30.03 22.26
N TYR C 94 7.47 -30.25 22.45
CA TYR C 94 6.38 -29.71 21.67
C TYR C 94 5.70 -28.61 22.46
N TYR C 95 5.70 -27.40 21.91
CA TYR C 95 5.12 -26.22 22.54
C TYR C 95 3.86 -25.77 21.86
N CYS C 96 2.89 -25.29 22.62
CA CYS C 96 1.76 -24.61 22.02
C CYS C 96 2.01 -23.11 22.40
N ALA C 97 1.51 -22.20 21.57
CA ALA C 97 1.66 -20.76 21.74
C ALA C 97 0.48 -20.03 21.12
N ARG C 98 -0.02 -19.00 21.80
CA ARG C 98 -1.13 -18.18 21.31
C ARG C 98 -0.59 -16.96 20.59
N GLU C 99 -1.34 -16.47 19.59
CA GLU C 99 -1.06 -15.29 18.77
C GLU C 99 -2.36 -14.50 18.66
N GLY C 100 -2.35 -13.31 19.24
CA GLY C 100 -3.49 -12.42 19.28
C GLY C 100 -3.25 -11.31 20.29
N PRO C 101 -4.28 -10.59 20.78
CA PRO C 101 -5.72 -10.78 20.51
C PRO C 101 -6.20 -10.19 19.19
N TYR C 102 -7.00 -10.96 18.47
CA TYR C 102 -7.57 -10.51 17.20
C TYR C 102 -9.07 -10.34 17.37
N SER C 103 -9.64 -9.39 16.64
CA SER C 103 -11.08 -9.13 16.65
C SER C 103 -11.68 -9.57 15.31
N TYR C 104 -12.88 -9.05 14.96
CA TYR C 104 -13.54 -9.35 13.69
C TYR C 104 -13.06 -8.41 12.57
N TYR C 105 -11.98 -7.66 12.81
CA TYR C 105 -11.41 -6.78 11.78
C TYR C 105 -10.21 -7.49 11.11
N PRO C 106 -10.21 -7.73 9.79
CA PRO C 106 -9.04 -8.38 9.17
C PRO C 106 -7.78 -7.51 9.22
N SER C 107 -6.59 -8.14 9.28
CA SER C 107 -5.33 -7.38 9.36
C SER C 107 -4.21 -8.02 8.56
N ARG C 108 -3.23 -7.20 8.23
CA ARG C 108 -2.00 -7.60 7.57
C ARG C 108 -0.83 -7.18 8.48
N GLU C 109 -1.17 -6.73 9.71
CA GLU C 109 -0.26 -6.35 10.79
C GLU C 109 -0.53 -7.34 11.91
N TYR C 110 0.50 -8.08 12.34
CA TYR C 110 0.32 -9.18 13.29
C TYR C 110 1.09 -9.06 14.58
N TYR C 111 0.52 -9.64 15.61
CA TYR C 111 1.13 -9.78 16.92
C TYR C 111 2.09 -10.98 16.88
N GLY C 112 3.01 -11.06 17.84
CA GLY C 112 3.87 -12.23 18.03
C GLY C 112 3.16 -13.25 18.90
N SER C 113 3.84 -14.37 19.26
CA SER C 113 3.23 -15.39 20.15
C SER C 113 3.65 -15.05 21.57
N ASP C 114 2.77 -14.33 22.27
CA ASP C 114 3.00 -13.73 23.58
C ASP C 114 2.85 -14.66 24.76
N LEU C 115 2.32 -15.86 24.54
CA LEU C 115 2.16 -16.82 25.62
C LEU C 115 2.39 -18.21 25.09
N TRP C 116 3.32 -18.92 25.74
CA TRP C 116 3.72 -20.29 25.40
C TRP C 116 3.36 -21.24 26.51
N GLY C 117 3.10 -22.51 26.17
CA GLY C 117 2.89 -23.56 27.14
C GLY C 117 4.24 -23.97 27.72
N GLN C 118 4.24 -24.80 28.76
CA GLN C 118 5.48 -25.28 29.38
C GLN C 118 6.25 -26.30 28.48
N GLY C 119 5.58 -26.84 27.48
CA GLY C 119 6.19 -27.83 26.60
C GLY C 119 5.90 -29.23 27.10
N THR C 120 5.95 -30.18 26.17
CA THR C 120 5.71 -31.62 26.37
C THR C 120 6.87 -32.34 25.73
N LEU C 121 7.65 -33.06 26.54
CA LEU C 121 8.72 -33.85 25.99
C LEU C 121 8.12 -35.15 25.43
N VAL C 122 8.44 -35.47 24.18
CA VAL C 122 8.01 -36.69 23.51
C VAL C 122 9.31 -37.45 23.17
N THR C 123 9.48 -38.65 23.72
CA THR C 123 10.66 -39.48 23.48
C THR C 123 10.24 -40.66 22.61
N VAL C 124 10.91 -40.83 21.47
CA VAL C 124 10.60 -41.92 20.55
C VAL C 124 11.69 -42.99 20.78
N SER C 125 11.29 -44.04 21.56
CA SER C 125 12.09 -45.22 22.00
C SER C 125 11.22 -46.50 22.22
N SER C 126 11.80 -47.69 21.94
CA SER C 126 11.12 -49.00 22.16
C SER C 126 11.41 -49.60 23.55
N ALA C 127 12.18 -48.88 24.38
CA ALA C 127 12.55 -49.32 25.71
C ALA C 127 11.40 -49.29 26.72
N SER C 128 11.61 -50.05 27.81
CA SER C 128 10.73 -50.17 28.97
C SER C 128 11.57 -49.73 30.19
N THR C 129 10.90 -49.40 31.33
CA THR C 129 11.59 -48.97 32.55
C THR C 129 12.76 -49.91 32.90
N LYS C 130 13.94 -49.32 33.10
CA LYS C 130 15.19 -50.03 33.39
C LYS C 130 16.14 -49.15 34.18
N GLY C 131 16.62 -49.70 35.30
CA GLY C 131 17.58 -49.04 36.17
C GLY C 131 18.96 -49.03 35.53
N PRO C 132 19.83 -48.09 35.93
CA PRO C 132 21.18 -48.07 35.35
C PRO C 132 22.17 -49.05 35.97
N SER C 133 23.26 -49.31 35.22
CA SER C 133 24.47 -50.01 35.67
C SER C 133 25.45 -48.85 35.92
N VAL C 134 26.10 -48.85 37.08
CA VAL C 134 27.01 -47.77 37.44
C VAL C 134 28.45 -48.30 37.42
N PHE C 135 29.28 -47.74 36.53
CA PHE C 135 30.68 -48.14 36.37
C PHE C 135 31.63 -47.03 36.80
N PRO C 136 32.81 -47.38 37.38
CA PRO C 136 33.77 -46.31 37.74
C PRO C 136 34.49 -45.73 36.54
N LEU C 137 34.90 -44.48 36.69
CA LEU C 137 35.76 -43.81 35.72
C LEU C 137 36.98 -43.45 36.50
N ALA C 138 38.06 -44.10 36.22
CA ALA C 138 39.31 -43.90 36.92
C ALA C 138 40.44 -44.01 35.91
N PRO C 139 41.57 -43.30 36.11
CA PRO C 139 42.67 -43.41 35.13
C PRO C 139 43.33 -44.79 35.16
N CYS C 140 43.94 -45.19 34.02
CA CYS C 140 44.65 -46.47 33.87
C CYS C 140 45.76 -46.60 34.91
N SER C 141 46.47 -45.48 35.19
CA SER C 141 47.55 -45.42 36.17
C SER C 141 47.33 -44.33 37.22
N ARG C 142 47.69 -44.65 38.50
CA ARG C 142 47.62 -43.73 39.63
C ARG C 142 48.89 -42.83 39.63
N SER C 143 49.08 -42.06 38.53
CA SER C 143 50.18 -41.14 38.30
C SER C 143 49.66 -39.96 37.47
N SER C 145 51.60 -38.07 38.96
CA SER C 145 52.48 -37.33 38.05
C SER C 145 52.01 -35.89 37.94
N GLU C 146 50.83 -35.64 37.33
CA GLU C 146 50.24 -34.30 37.22
C GLU C 146 49.59 -34.02 38.57
N SER C 147 49.50 -32.73 38.98
CA SER C 147 48.95 -32.35 40.28
C SER C 147 47.45 -32.60 40.42
N THR C 148 46.73 -32.70 39.31
CA THR C 148 45.28 -32.90 39.36
C THR C 148 44.83 -34.20 38.72
N ALA C 149 43.83 -34.82 39.33
CA ALA C 149 43.27 -36.10 38.91
C ALA C 149 41.78 -35.99 38.66
N ALA C 150 41.26 -36.82 37.78
CA ALA C 150 39.82 -36.87 37.52
C ALA C 150 39.30 -38.29 37.80
N LEU C 151 38.12 -38.36 38.38
CA LEU C 151 37.42 -39.59 38.70
C LEU C 151 35.99 -39.41 38.23
N GLY C 152 35.25 -40.49 38.09
CA GLY C 152 33.87 -40.31 37.72
C GLY C 152 33.05 -41.57 37.84
N CYS C 153 31.83 -41.47 37.38
CA CYS C 153 30.86 -42.55 37.34
C CYS C 153 30.16 -42.53 36.01
N LEU C 154 30.10 -43.70 35.38
CA LEU C 154 29.36 -43.88 34.15
C LEU C 154 28.05 -44.54 34.51
N VAL C 155 26.94 -43.80 34.30
CA VAL C 155 25.57 -44.25 34.60
C VAL C 155 24.98 -44.68 33.25
N LYS C 156 25.03 -45.97 32.98
CA LYS C 156 24.68 -46.54 31.70
C LYS C 156 23.40 -47.34 31.63
N ASP C 157 22.71 -47.22 30.48
CA ASP C 157 21.54 -47.97 30.06
C ASP C 157 20.35 -47.91 31.00
N TYR C 158 19.84 -46.71 31.22
CA TYR C 158 18.66 -46.56 32.05
C TYR C 158 17.51 -45.96 31.21
N PHE C 159 16.28 -46.11 31.67
CA PHE C 159 15.12 -45.60 31.00
C PHE C 159 13.91 -45.57 31.94
N PRO C 160 13.08 -44.50 31.98
CA PRO C 160 13.22 -43.22 31.27
C PRO C 160 14.10 -42.24 32.07
N GLU C 161 14.15 -40.97 31.65
CA GLU C 161 14.84 -39.92 32.40
C GLU C 161 13.94 -39.59 33.62
N PRO C 162 14.42 -38.98 34.72
CA PRO C 162 15.79 -38.51 35.03
C PRO C 162 16.57 -39.42 35.99
N VAL C 163 17.87 -39.10 36.19
CA VAL C 163 18.79 -39.70 37.15
C VAL C 163 19.44 -38.52 37.84
N THR C 164 19.55 -38.60 39.16
CA THR C 164 20.22 -37.57 39.91
C THR C 164 21.51 -38.18 40.42
N VAL C 165 22.58 -37.40 40.39
CA VAL C 165 23.91 -37.77 40.84
C VAL C 165 24.41 -36.69 41.77
N SER C 166 24.97 -37.13 42.91
CA SER C 166 25.66 -36.30 43.90
C SER C 166 26.96 -37.03 44.27
N TRP C 167 27.89 -36.32 44.91
CA TRP C 167 29.16 -36.87 45.33
C TRP C 167 29.26 -36.69 46.83
N ASN C 168 29.62 -37.77 47.55
CA ASN C 168 29.76 -37.82 49.01
C ASN C 168 28.51 -37.29 49.73
N SER C 169 27.34 -37.79 49.31
CA SER C 169 26.01 -37.44 49.83
C SER C 169 25.65 -35.94 49.70
N GLY C 170 26.27 -35.25 48.73
CA GLY C 170 26.03 -33.84 48.47
C GLY C 170 27.07 -32.93 49.08
N ALA C 171 28.02 -33.49 49.85
CA ALA C 171 29.10 -32.75 50.50
C ALA C 171 30.13 -32.25 49.51
N LEU C 172 30.38 -33.00 48.40
CA LEU C 172 31.34 -32.61 47.35
C LEU C 172 30.59 -32.00 46.15
N THR C 173 30.82 -30.69 45.89
CA THR C 173 30.17 -29.93 44.82
C THR C 173 31.18 -29.19 43.93
N SER C 174 32.34 -28.85 44.49
CA SER C 174 33.41 -28.15 43.78
C SER C 174 34.13 -29.15 42.85
N GLY C 175 34.31 -28.74 41.59
CA GLY C 175 34.99 -29.54 40.57
C GLY C 175 34.11 -30.60 39.93
N VAL C 176 32.84 -30.67 40.32
CA VAL C 176 31.86 -31.68 39.84
C VAL C 176 31.21 -31.24 38.51
N HIS C 177 31.18 -32.15 37.52
CA HIS C 177 30.47 -31.94 36.27
C HIS C 177 29.63 -33.15 35.98
N THR C 178 28.31 -32.99 36.06
CA THR C 178 27.31 -34.00 35.72
C THR C 178 26.76 -33.63 34.34
N PHE C 179 27.13 -34.41 33.33
CA PHE C 179 26.75 -34.17 31.96
C PHE C 179 25.29 -34.50 31.66
N PRO C 180 24.61 -33.72 30.77
CA PRO C 180 23.22 -34.08 30.37
C PRO C 180 23.25 -35.47 29.74
N ALA C 181 22.22 -36.28 29.95
CA ALA C 181 22.19 -37.63 29.37
C ALA C 181 22.12 -37.57 27.83
N VAL C 182 22.65 -38.63 27.19
CA VAL C 182 22.55 -38.82 25.77
C VAL C 182 21.60 -40.01 25.57
N LEU C 183 20.77 -39.97 24.53
CA LEU C 183 19.92 -41.08 24.18
C LEU C 183 20.72 -41.91 23.16
N GLN C 184 20.96 -43.18 23.49
CA GLN C 184 21.72 -44.10 22.66
C GLN C 184 20.82 -44.72 21.58
N SER C 185 21.44 -45.39 20.57
CA SER C 185 20.77 -46.11 19.48
C SER C 185 19.81 -47.19 20.01
N SER C 186 20.15 -47.78 21.16
CA SER C 186 19.34 -48.79 21.85
C SER C 186 18.02 -48.23 22.43
N GLY C 187 17.84 -46.92 22.41
CA GLY C 187 16.68 -46.27 23.01
C GLY C 187 16.81 -46.10 24.53
N LEU C 188 18.01 -46.32 25.08
CA LEU C 188 18.28 -46.17 26.52
C LEU C 188 19.21 -45.00 26.75
N TYR C 189 19.15 -44.39 27.93
CA TYR C 189 19.97 -43.25 28.23
C TYR C 189 21.26 -43.64 28.89
N SER C 190 22.21 -42.71 28.84
CA SER C 190 23.49 -42.84 29.46
C SER C 190 24.02 -41.47 29.80
N LEU C 191 24.66 -41.37 30.98
CA LEU C 191 25.37 -40.16 31.41
C LEU C 191 26.61 -40.48 32.20
N SER C 192 27.45 -39.46 32.37
CA SER C 192 28.60 -39.53 33.19
C SER C 192 28.65 -38.31 34.12
N SER C 193 29.22 -38.53 35.30
CA SER C 193 29.45 -37.49 36.31
C SER C 193 30.91 -37.59 36.69
N VAL C 194 31.62 -36.50 36.59
CA VAL C 194 33.04 -36.44 36.87
C VAL C 194 33.36 -35.42 37.95
N VAL C 195 34.51 -35.61 38.59
CA VAL C 195 35.02 -34.69 39.60
C VAL C 195 36.52 -34.58 39.45
N THR C 196 37.06 -33.36 39.60
CA THR C 196 38.52 -33.13 39.57
C THR C 196 38.98 -32.89 40.99
N VAL C 197 39.93 -33.72 41.43
CA VAL C 197 40.48 -33.76 42.78
C VAL C 197 42.01 -33.64 42.75
N PRO C 198 42.68 -33.19 43.84
CA PRO C 198 44.17 -33.17 43.81
C PRO C 198 44.70 -34.60 43.89
N SER C 199 45.83 -34.89 43.22
CA SER C 199 46.45 -36.22 43.20
C SER C 199 46.84 -36.73 44.60
N SER C 200 47.18 -35.81 45.52
CA SER C 200 47.53 -36.10 46.91
C SER C 200 46.34 -36.73 47.69
N SER C 201 45.11 -36.45 47.25
CA SER C 201 43.88 -36.93 47.85
C SER C 201 43.58 -38.40 47.60
N LEU C 202 43.95 -38.95 46.41
CA LEU C 202 43.64 -40.31 45.97
C LEU C 202 43.96 -41.45 46.97
N GLY C 203 44.80 -41.22 47.98
CA GLY C 203 45.09 -42.23 49.00
C GLY C 203 44.44 -41.93 50.33
N THR C 204 44.18 -40.64 50.61
CA THR C 204 43.61 -40.16 51.88
C THR C 204 42.08 -39.97 51.84
N LYS C 205 41.57 -39.23 50.85
CA LYS C 205 40.14 -38.92 50.73
C LYS C 205 39.38 -39.95 49.91
N THR C 206 38.16 -40.23 50.36
CA THR C 206 37.22 -41.16 49.71
C THR C 206 36.26 -40.38 48.78
N TYR C 207 35.91 -40.96 47.61
CA TYR C 207 35.00 -40.35 46.63
C TYR C 207 33.94 -41.33 46.19
N THR C 208 32.69 -41.05 46.55
CA THR C 208 31.54 -41.90 46.28
C THR C 208 30.51 -41.11 45.50
N CYS C 209 29.99 -41.70 44.41
CA CYS C 209 28.93 -41.04 43.64
C CYS C 209 27.62 -41.72 43.99
N ASN C 210 26.59 -40.90 44.23
CA ASN C 210 25.27 -41.33 44.66
C ASN C 210 24.30 -41.18 43.52
N VAL C 211 23.83 -42.32 43.04
CA VAL C 211 22.94 -42.42 41.88
C VAL C 211 21.56 -42.90 42.27
N ASP C 212 20.55 -42.10 41.91
CA ASP C 212 19.15 -42.36 42.15
C ASP C 212 18.38 -42.29 40.84
N HIS C 213 17.63 -43.35 40.56
CA HIS C 213 16.75 -43.48 39.43
C HIS C 213 15.40 -43.93 39.99
N LYS C 214 14.59 -42.93 40.38
CA LYS C 214 13.26 -43.11 40.97
C LYS C 214 12.29 -43.92 40.08
N PRO C 215 12.21 -43.76 38.72
CA PRO C 215 11.29 -44.62 37.94
C PRO C 215 11.49 -46.16 38.10
N SER C 216 12.74 -46.63 38.29
CA SER C 216 13.00 -48.07 38.48
C SER C 216 13.21 -48.39 39.96
N ASN C 217 13.15 -47.37 40.84
CA ASN C 217 13.41 -47.48 42.28
C ASN C 217 14.86 -47.98 42.54
N THR C 218 15.83 -47.45 41.76
CA THR C 218 17.23 -47.81 41.87
C THR C 218 18.01 -46.76 42.64
N LYS C 219 18.79 -47.24 43.61
CA LYS C 219 19.69 -46.45 44.43
C LYS C 219 21.03 -47.18 44.47
N VAL C 220 22.08 -46.45 44.05
CA VAL C 220 23.43 -46.96 43.99
C VAL C 220 24.38 -45.93 44.58
N ASP C 221 25.32 -46.40 45.38
CA ASP C 221 26.40 -45.61 45.97
C ASP C 221 27.66 -46.33 45.51
N LYS C 222 28.46 -45.68 44.67
CA LYS C 222 29.64 -46.29 44.08
C LYS C 222 30.89 -45.52 44.45
N ARG C 223 31.78 -46.17 45.23
CA ARG C 223 33.05 -45.57 45.61
C ARG C 223 34.02 -45.81 44.42
N VAL C 224 34.70 -44.72 43.97
CA VAL C 224 35.57 -44.83 42.79
C VAL C 224 37.06 -44.86 43.18
N GLU D 1 9.61 -20.35 0.54
CA GLU D 1 9.52 -20.14 1.98
C GLU D 1 10.69 -19.25 2.44
N ILE D 2 10.39 -18.30 3.34
CA ILE D 2 11.31 -17.35 3.96
C ILE D 2 12.42 -18.10 4.72
N VAL D 3 13.61 -17.53 4.68
CA VAL D 3 14.77 -17.99 5.43
C VAL D 3 15.17 -16.78 6.32
N LEU D 4 15.24 -16.99 7.65
CA LEU D 4 15.65 -15.91 8.55
C LEU D 4 17.07 -16.23 8.99
N THR D 5 18.01 -15.30 8.76
CA THR D 5 19.42 -15.51 9.08
C THR D 5 19.82 -14.61 10.23
N GLN D 6 20.18 -15.21 11.37
CA GLN D 6 20.59 -14.47 12.56
C GLN D 6 22.10 -14.42 12.63
N SER D 7 22.63 -13.29 13.08
CA SER D 7 24.07 -13.11 13.25
C SER D 7 24.38 -12.28 14.49
N PRO D 8 25.47 -12.59 15.21
CA PRO D 8 26.36 -13.77 15.04
C PRO D 8 25.67 -15.01 15.65
N ALA D 9 26.18 -16.23 15.41
CA ALA D 9 25.61 -17.44 16.02
C ALA D 9 25.81 -17.37 17.56
N THR D 10 26.95 -16.82 17.99
CA THR D 10 27.30 -16.64 19.39
C THR D 10 27.80 -15.22 19.60
N LEU D 11 27.26 -14.56 20.61
CA LEU D 11 27.65 -13.22 20.98
C LEU D 11 28.22 -13.33 22.41
N SER D 12 29.51 -13.06 22.57
CA SER D 12 30.18 -13.23 23.85
C SER D 12 30.43 -11.87 24.49
N LEU D 13 29.74 -11.58 25.61
CA LEU D 13 29.85 -10.26 26.25
C LEU D 13 29.91 -10.36 27.78
N SER D 14 30.16 -9.23 28.43
CA SER D 14 30.19 -9.16 29.89
C SER D 14 28.89 -8.53 30.43
N PRO D 15 28.45 -8.87 31.67
CA PRO D 15 27.24 -8.22 32.22
C PRO D 15 27.46 -6.72 32.30
N GLY D 16 26.42 -5.95 32.02
CA GLY D 16 26.48 -4.50 31.99
C GLY D 16 26.72 -3.94 30.59
N GLU D 17 27.30 -4.76 29.69
CA GLU D 17 27.54 -4.32 28.31
C GLU D 17 26.21 -4.30 27.49
N ARG D 18 26.22 -3.52 26.43
CA ARG D 18 25.12 -3.40 25.48
C ARG D 18 25.27 -4.56 24.47
N ALA D 19 24.15 -5.18 24.04
CA ALA D 19 24.10 -6.29 23.10
C ALA D 19 23.25 -5.94 21.87
N THR D 20 23.76 -6.23 20.69
CA THR D 20 23.08 -5.96 19.43
C THR D 20 23.00 -7.27 18.67
N LEU D 21 21.78 -7.73 18.38
CA LEU D 21 21.52 -8.99 17.68
C LEU D 21 20.87 -8.65 16.36
N SER D 22 21.29 -9.34 15.30
CA SER D 22 20.81 -9.10 13.94
C SER D 22 19.98 -10.26 13.39
N CYS D 23 19.01 -9.95 12.51
CA CYS D 23 18.14 -10.90 11.81
C CYS D 23 17.97 -10.32 10.37
N ARG D 24 18.24 -11.13 9.36
CA ARG D 24 18.07 -10.76 7.95
C ARG D 24 17.07 -11.72 7.30
N ALA D 25 16.04 -11.18 6.65
CA ALA D 25 15.03 -11.97 5.96
C ALA D 25 15.41 -12.16 4.48
N SER D 26 15.16 -13.35 3.91
CA SER D 26 15.49 -13.69 2.54
C SER D 26 14.69 -12.81 1.52
N GLN D 27 13.46 -12.42 1.90
CA GLN D 27 12.57 -11.52 1.14
C GLN D 27 11.74 -10.77 2.15
N SER D 28 11.01 -9.74 1.69
CA SER D 28 10.19 -8.88 2.55
C SER D 28 9.18 -9.66 3.39
N ILE D 29 8.97 -9.20 4.63
CA ILE D 29 8.04 -9.78 5.59
C ILE D 29 7.29 -8.64 6.26
N SER D 30 7.20 -7.46 5.57
CA SER D 30 6.62 -6.22 6.06
C SER D 30 7.33 -5.92 7.40
N ASN D 31 6.59 -5.65 8.49
CA ASN D 31 7.18 -5.42 9.80
C ASN D 31 6.80 -6.58 10.75
N ASN D 32 6.32 -7.72 10.18
CA ASN D 32 5.82 -8.84 10.97
C ASN D 32 6.95 -9.79 11.41
N LEU D 33 7.92 -9.20 12.18
CA LEU D 33 9.11 -9.84 12.71
C LEU D 33 9.03 -9.63 14.21
N HIS D 34 9.17 -10.73 14.99
CA HIS D 34 9.05 -10.75 16.46
C HIS D 34 10.28 -11.40 17.10
N TRP D 35 10.59 -11.01 18.36
CA TRP D 35 11.79 -11.50 19.09
C TRP D 35 11.43 -12.31 20.30
N TYR D 36 12.13 -13.43 20.48
CA TYR D 36 11.88 -14.36 21.57
C TYR D 36 13.15 -14.67 22.33
N GLN D 37 13.00 -14.95 23.61
CA GLN D 37 14.10 -15.38 24.45
C GLN D 37 13.83 -16.76 24.97
N GLN D 38 14.85 -17.61 24.98
CA GLN D 38 14.74 -18.94 25.59
C GLN D 38 15.90 -19.23 26.52
N LYS D 39 15.61 -19.63 27.75
CA LYS D 39 16.60 -20.02 28.76
C LYS D 39 16.60 -21.54 28.85
N PRO D 40 17.75 -22.18 29.22
CA PRO D 40 17.74 -23.67 29.30
C PRO D 40 16.70 -24.18 30.25
N GLY D 41 15.91 -25.15 29.79
CA GLY D 41 14.84 -25.78 30.55
C GLY D 41 13.54 -25.03 30.58
N GLN D 42 13.43 -23.92 29.83
CA GLN D 42 12.21 -23.09 29.80
C GLN D 42 11.65 -22.91 28.39
N ALA D 43 10.35 -22.58 28.34
CA ALA D 43 9.62 -22.26 27.13
C ALA D 43 10.08 -20.90 26.55
N PRO D 44 10.05 -20.67 25.21
CA PRO D 44 10.38 -19.32 24.68
C PRO D 44 9.44 -18.25 25.24
N ARG D 45 9.95 -17.01 25.34
CA ARG D 45 9.20 -15.85 25.83
C ARG D 45 9.29 -14.70 24.81
N LEU D 46 8.14 -14.09 24.45
CA LEU D 46 8.10 -12.94 23.52
C LEU D 46 8.70 -11.68 24.19
N LEU D 47 9.63 -11.00 23.51
CA LEU D 47 10.27 -9.78 24.02
C LEU D 47 9.79 -8.50 23.33
N ILE D 48 9.67 -8.56 22.00
CA ILE D 48 9.32 -7.47 21.10
C ILE D 48 8.48 -8.09 19.97
N TYR D 49 7.41 -7.42 19.56
CA TYR D 49 6.60 -7.90 18.44
C TYR D 49 6.48 -6.74 17.44
N TYR D 50 6.15 -7.07 16.17
CA TYR D 50 5.96 -6.10 15.10
C TYR D 50 7.14 -5.14 15.02
N THR D 51 8.36 -5.73 14.91
CA THR D 51 9.66 -5.06 14.76
C THR D 51 10.14 -4.29 16.02
N SER D 52 9.29 -3.43 16.60
CA SER D 52 9.70 -2.55 17.69
C SER D 52 8.68 -2.34 18.78
N ARG D 53 7.53 -3.05 18.74
CA ARG D 53 6.49 -2.81 19.74
C ARG D 53 6.76 -3.50 21.07
N SER D 54 6.43 -2.80 22.16
CA SER D 54 6.65 -3.27 23.51
C SER D 54 5.65 -4.31 23.97
N VAL D 55 6.14 -5.23 24.83
CA VAL D 55 5.41 -6.37 25.37
C VAL D 55 5.23 -6.23 26.87
N SER D 56 4.00 -6.45 27.35
CA SER D 56 3.62 -6.41 28.76
C SER D 56 4.48 -7.43 29.57
N GLY D 57 5.05 -6.95 30.68
CA GLY D 57 5.90 -7.75 31.55
C GLY D 57 7.38 -7.78 31.16
N ILE D 58 7.75 -7.15 30.03
CA ILE D 58 9.15 -7.17 29.57
C ILE D 58 9.92 -5.93 30.03
N PRO D 59 11.15 -6.08 30.61
CA PRO D 59 11.93 -4.89 31.03
C PRO D 59 12.30 -3.93 29.91
N ALA D 60 12.46 -2.65 30.29
CA ALA D 60 12.75 -1.51 29.39
C ALA D 60 14.00 -1.62 28.54
N ARG D 61 15.02 -2.39 29.00
CA ARG D 61 16.32 -2.55 28.33
C ARG D 61 16.23 -3.22 26.95
N PHE D 62 15.12 -3.93 26.68
CA PHE D 62 14.88 -4.59 25.40
C PHE D 62 14.16 -3.63 24.43
N SER D 63 14.68 -3.51 23.22
CA SER D 63 14.11 -2.68 22.16
C SER D 63 14.49 -3.29 20.82
N GLY D 64 13.65 -3.05 19.79
CA GLY D 64 13.91 -3.57 18.45
C GLY D 64 13.72 -2.50 17.40
N SER D 65 14.30 -2.74 16.22
CA SER D 65 14.21 -1.85 15.06
C SER D 65 14.43 -2.68 13.81
N GLY D 66 14.16 -2.12 12.64
CA GLY D 66 14.36 -2.86 11.41
C GLY D 66 13.67 -2.28 10.20
N SER D 67 14.48 -2.02 9.16
CA SER D 67 14.05 -1.47 7.88
C SER D 67 14.25 -2.52 6.77
N GLY D 68 13.15 -2.76 6.04
CA GLY D 68 13.09 -3.72 4.93
C GLY D 68 13.19 -5.17 5.36
N THR D 69 14.34 -5.77 5.06
CA THR D 69 14.68 -7.17 5.37
C THR D 69 15.74 -7.26 6.46
N ASP D 70 16.14 -6.12 7.05
CA ASP D 70 17.14 -6.07 8.10
C ASP D 70 16.49 -5.69 9.44
N PHE D 71 16.65 -6.53 10.47
CA PHE D 71 16.06 -6.30 11.79
C PHE D 71 17.09 -6.44 12.89
N THR D 72 16.88 -5.75 14.00
CA THR D 72 17.82 -5.71 15.12
C THR D 72 17.11 -5.74 16.47
N LEU D 73 17.65 -6.55 17.45
CA LEU D 73 17.23 -6.54 18.84
C LEU D 73 18.41 -5.91 19.63
N THR D 74 18.10 -4.95 20.52
CA THR D 74 19.10 -4.32 21.40
C THR D 74 18.73 -4.54 22.85
N ILE D 75 19.73 -4.93 23.67
CA ILE D 75 19.63 -5.04 25.14
C ILE D 75 20.61 -3.94 25.58
N SER D 76 20.09 -2.82 26.12
CA SER D 76 20.90 -1.65 26.48
C SER D 76 22.01 -1.95 27.50
N SER D 77 21.76 -2.85 28.46
CA SER D 77 22.73 -3.24 29.48
C SER D 77 22.36 -4.64 29.94
N LEU D 78 23.21 -5.63 29.63
CA LEU D 78 22.98 -7.05 29.96
C LEU D 78 22.95 -7.33 31.44
N GLU D 79 21.85 -7.95 31.88
CA GLU D 79 21.68 -8.41 33.26
C GLU D 79 22.15 -9.90 33.29
N PRO D 80 22.52 -10.50 34.46
CA PRO D 80 22.94 -11.92 34.47
C PRO D 80 21.88 -12.88 33.88
N GLU D 81 20.58 -12.53 34.05
CA GLU D 81 19.44 -13.27 33.51
C GLU D 81 19.27 -13.14 31.95
N ASP D 82 20.03 -12.25 31.29
CA ASP D 82 19.93 -12.06 29.84
C ASP D 82 20.81 -12.98 29.01
N PHE D 83 21.70 -13.74 29.67
CA PHE D 83 22.56 -14.65 28.94
C PHE D 83 21.71 -15.87 28.67
N ALA D 84 21.24 -15.93 27.42
CA ALA D 84 20.28 -16.91 26.93
C ALA D 84 20.36 -17.01 25.40
N VAL D 85 19.39 -17.73 24.77
CA VAL D 85 19.27 -17.87 23.32
C VAL D 85 18.11 -16.94 22.85
N TYR D 86 18.31 -16.23 21.75
CA TYR D 86 17.31 -15.30 21.19
C TYR D 86 16.97 -15.68 19.77
N TYR D 87 15.67 -15.77 19.49
CA TYR D 87 15.15 -16.09 18.16
C TYR D 87 14.36 -14.96 17.58
N CYS D 88 14.49 -14.75 16.25
CA CYS D 88 13.60 -13.86 15.53
C CYS D 88 12.57 -14.79 14.88
N GLY D 89 11.37 -14.32 14.67
CA GLY D 89 10.31 -15.13 14.09
C GLY D 89 9.38 -14.30 13.23
N GLN D 90 9.09 -14.77 12.03
CA GLN D 90 8.19 -14.04 11.15
C GLN D 90 6.84 -14.76 11.07
N ASN D 91 5.75 -14.00 10.95
CA ASN D 91 4.40 -14.53 10.76
C ASN D 91 3.65 -13.71 9.68
N ASN D 92 4.40 -13.06 8.78
CA ASN D 92 3.84 -12.31 7.65
C ASN D 92 3.15 -13.32 6.69
N GLU D 93 3.76 -14.49 6.53
CA GLU D 93 3.29 -15.59 5.74
C GLU D 93 3.48 -16.92 6.45
N TRP D 94 2.64 -17.89 6.11
CA TRP D 94 2.76 -19.25 6.59
C TRP D 94 3.51 -20.08 5.52
N PRO D 95 4.39 -21.03 5.92
CA PRO D 95 4.71 -21.42 7.31
C PRO D 95 5.48 -20.32 8.05
N GLU D 96 5.20 -20.14 9.36
CA GLU D 96 5.95 -19.24 10.22
C GLU D 96 7.41 -19.77 10.22
N VAL D 97 8.38 -18.86 10.29
CA VAL D 97 9.79 -19.24 10.25
C VAL D 97 10.51 -18.55 11.40
N PHE D 98 11.43 -19.27 12.06
CA PHE D 98 12.30 -18.70 13.08
C PHE D 98 13.73 -18.70 12.57
N GLY D 99 14.54 -17.80 13.10
CA GLY D 99 15.96 -17.80 12.79
C GLY D 99 16.61 -18.95 13.55
N GLY D 100 17.87 -19.27 13.21
CA GLY D 100 18.64 -20.32 13.87
C GLY D 100 19.03 -20.05 15.31
N GLY D 101 18.77 -18.82 15.78
CA GLY D 101 19.06 -18.40 17.15
C GLY D 101 20.44 -17.80 17.31
N THR D 102 20.56 -16.97 18.34
CA THR D 102 21.84 -16.35 18.73
C THR D 102 22.00 -16.62 20.22
N LYS D 103 23.09 -17.29 20.59
CA LYS D 103 23.37 -17.55 21.99
C LYS D 103 24.17 -16.33 22.51
N VAL D 104 23.74 -15.77 23.65
CA VAL D 104 24.47 -14.68 24.27
C VAL D 104 25.15 -15.32 25.48
N GLU D 105 26.49 -15.45 25.42
CA GLU D 105 27.26 -16.11 26.49
C GLU D 105 28.16 -15.11 27.21
N ILE D 106 28.59 -15.46 28.44
CA ILE D 106 29.52 -14.65 29.21
C ILE D 106 30.92 -14.75 28.58
N LYS D 107 31.52 -13.59 28.33
CA LYS D 107 32.87 -13.50 27.76
C LYS D 107 33.93 -13.87 28.80
N ARG D 108 34.98 -14.57 28.36
CA ARG D 108 36.14 -14.89 29.17
C ARG D 108 37.34 -15.15 28.30
N THR D 109 38.51 -15.31 28.90
CA THR D 109 39.74 -15.58 28.14
C THR D 109 39.69 -17.02 27.57
N VAL D 110 40.41 -17.25 26.47
CA VAL D 110 40.57 -18.56 25.85
C VAL D 110 41.28 -19.47 26.89
N ALA D 111 40.72 -20.66 27.10
CA ALA D 111 41.24 -21.60 28.07
C ALA D 111 41.26 -22.99 27.42
N ALA D 112 42.45 -23.58 27.34
CA ALA D 112 42.62 -24.92 26.75
C ALA D 112 42.06 -25.95 27.73
N PRO D 113 41.46 -27.07 27.23
CA PRO D 113 40.92 -28.07 28.17
C PRO D 113 42.02 -28.93 28.78
N SER D 114 41.74 -29.41 30.00
CA SER D 114 42.50 -30.46 30.68
C SER D 114 41.82 -31.74 30.15
N VAL D 115 42.57 -32.59 29.45
CA VAL D 115 42.05 -33.80 28.82
C VAL D 115 42.41 -35.03 29.66
N PHE D 116 41.43 -35.93 29.87
CA PHE D 116 41.50 -37.19 30.63
C PHE D 116 40.85 -38.28 29.84
N ILE D 117 41.46 -39.48 29.84
CA ILE D 117 40.91 -40.67 29.19
C ILE D 117 40.65 -41.74 30.26
N PHE D 118 39.55 -42.52 30.11
CA PHE D 118 39.16 -43.55 31.04
C PHE D 118 38.94 -44.85 30.31
N PRO D 119 39.72 -45.92 30.64
CA PRO D 119 39.48 -47.23 30.00
C PRO D 119 38.19 -47.85 30.53
N PRO D 120 37.54 -48.83 29.84
CA PRO D 120 36.35 -49.45 30.45
C PRO D 120 36.72 -50.18 31.74
N SER D 121 35.74 -50.37 32.63
CA SER D 121 35.97 -51.07 33.88
C SER D 121 35.86 -52.58 33.58
N ASP D 122 36.50 -53.42 34.41
CA ASP D 122 36.45 -54.90 34.33
C ASP D 122 35.03 -55.39 34.48
N GLU D 123 34.26 -54.73 35.36
CA GLU D 123 32.85 -54.97 35.63
C GLU D 123 32.03 -54.80 34.35
N GLN D 124 32.32 -53.74 33.54
CA GLN D 124 31.63 -53.54 32.27
C GLN D 124 32.10 -54.58 31.27
N LEU D 125 33.40 -54.82 31.20
CA LEU D 125 33.98 -55.83 30.30
C LEU D 125 33.38 -57.22 30.49
N LYS D 126 33.08 -57.61 31.74
CA LYS D 126 32.43 -58.89 32.04
C LYS D 126 31.00 -58.92 31.46
N SER D 127 30.33 -57.75 31.33
CA SER D 127 28.99 -57.69 30.76
C SER D 127 28.97 -57.88 29.22
N GLY D 128 30.10 -57.69 28.56
CA GLY D 128 30.21 -57.85 27.10
C GLY D 128 30.23 -56.56 26.29
N THR D 129 30.45 -55.40 26.95
CA THR D 129 30.51 -54.07 26.33
C THR D 129 31.72 -53.30 26.85
N ALA D 130 32.23 -52.35 26.05
CA ALA D 130 33.35 -51.51 26.44
C ALA D 130 33.09 -50.06 26.05
N SER D 131 32.97 -49.19 27.05
CA SER D 131 32.82 -47.74 26.88
C SER D 131 34.15 -47.10 27.30
N VAL D 132 34.72 -46.28 26.42
CA VAL D 132 35.97 -45.57 26.65
C VAL D 132 35.50 -44.12 26.70
N VAL D 133 35.90 -43.39 27.74
CA VAL D 133 35.45 -42.02 27.98
C VAL D 133 36.63 -41.06 27.92
N CYS D 134 36.45 -39.94 27.17
CA CYS D 134 37.38 -38.84 27.02
C CYS D 134 36.69 -37.61 27.65
N LEU D 135 37.37 -36.96 28.61
CA LEU D 135 36.87 -35.77 29.27
C LEU D 135 37.73 -34.56 28.95
N LEU D 136 37.09 -33.46 28.48
CA LEU D 136 37.72 -32.16 28.19
C LEU D 136 37.16 -31.26 29.28
N ASN D 137 38.01 -30.88 30.22
CA ASN D 137 37.61 -30.14 31.39
C ASN D 137 37.94 -28.66 31.35
N ASN D 138 36.92 -27.86 31.69
CA ASN D 138 36.92 -26.39 31.87
C ASN D 138 37.68 -25.62 30.76
N PHE D 139 37.11 -25.61 29.58
CA PHE D 139 37.72 -24.94 28.44
C PHE D 139 36.80 -23.79 27.91
N TYR D 140 37.36 -22.90 27.13
CA TYR D 140 36.66 -21.77 26.50
C TYR D 140 37.42 -21.32 25.23
N PRO D 141 36.74 -21.06 24.07
CA PRO D 141 35.28 -21.14 23.81
C PRO D 141 34.79 -22.60 23.66
N ARG D 142 33.47 -22.76 23.46
CA ARG D 142 32.77 -24.05 23.33
C ARG D 142 33.22 -24.94 22.15
N GLU D 143 33.65 -24.37 21.02
CA GLU D 143 34.07 -25.17 19.86
C GLU D 143 35.31 -26.04 20.15
N ALA D 144 35.18 -27.36 19.94
CA ALA D 144 36.22 -28.35 20.20
C ALA D 144 36.01 -29.55 19.33
N LYS D 145 37.10 -30.13 18.84
CA LYS D 145 37.05 -31.33 18.02
C LYS D 145 37.72 -32.48 18.80
N VAL D 146 36.95 -33.57 19.03
CA VAL D 146 37.42 -34.80 19.71
C VAL D 146 37.37 -35.91 18.68
N GLN D 147 38.49 -36.58 18.47
CA GLN D 147 38.58 -37.67 17.54
C GLN D 147 39.10 -38.90 18.23
N TRP D 148 38.41 -40.00 18.04
CA TRP D 148 38.80 -41.29 18.58
C TRP D 148 39.65 -42.01 17.52
N LYS D 149 40.84 -42.45 17.93
CA LYS D 149 41.79 -43.20 17.13
C LYS D 149 42.19 -44.54 17.79
N VAL D 150 41.72 -45.66 17.21
CA VAL D 150 41.95 -47.00 17.72
C VAL D 150 43.00 -47.63 16.79
N ASP D 151 44.24 -47.81 17.32
CA ASP D 151 45.41 -48.31 16.57
C ASP D 151 45.63 -47.50 15.28
N ASN D 152 45.47 -46.16 15.37
CA ASN D 152 45.62 -45.17 14.30
C ASN D 152 44.40 -45.08 13.37
N ALA D 153 43.36 -45.90 13.58
CA ALA D 153 42.16 -45.81 12.76
C ALA D 153 41.18 -44.81 13.36
N LEU D 154 40.78 -43.80 12.55
CA LEU D 154 39.80 -42.81 12.97
C LEU D 154 38.47 -43.50 13.05
N GLN D 155 37.76 -43.30 14.19
CA GLN D 155 36.46 -43.87 14.51
C GLN D 155 35.35 -42.92 14.13
N SER D 156 34.24 -43.46 13.60
CA SER D 156 33.08 -42.67 13.20
C SER D 156 31.82 -43.45 13.39
N GLY D 157 30.82 -42.77 13.97
CA GLY D 157 29.49 -43.33 14.21
C GLY D 157 29.35 -44.27 15.40
N ASN D 158 30.41 -44.42 16.21
CA ASN D 158 30.38 -45.28 17.40
C ASN D 158 30.65 -44.46 18.70
N SER D 159 30.46 -43.15 18.65
CA SER D 159 30.68 -42.32 19.83
C SER D 159 29.66 -41.21 19.94
N GLN D 160 29.42 -40.73 21.17
CA GLN D 160 28.50 -39.66 21.50
C GLN D 160 29.14 -38.68 22.45
N GLU D 161 28.85 -37.40 22.22
CA GLU D 161 29.35 -36.26 23.02
C GLU D 161 28.22 -35.64 23.83
N SER D 162 28.59 -34.99 24.91
CA SER D 162 27.69 -34.29 25.79
C SER D 162 28.50 -33.13 26.35
N VAL D 163 27.91 -31.93 26.37
CA VAL D 163 28.56 -30.70 26.80
C VAL D 163 27.74 -30.10 27.94
N THR D 164 28.39 -29.52 28.94
CA THR D 164 27.64 -28.85 30.02
C THR D 164 27.23 -27.43 29.52
N GLU D 165 26.36 -26.74 30.29
CA GLU D 165 26.01 -25.34 30.08
C GLU D 165 27.21 -24.58 30.67
N GLN D 166 27.43 -23.30 30.28
CA GLN D 166 28.53 -22.48 30.74
C GLN D 166 28.55 -22.41 32.26
N ASP D 167 29.74 -22.66 32.86
CA ASP D 167 29.88 -22.69 34.32
C ASP D 167 29.62 -21.30 34.97
N SER D 168 28.84 -21.27 36.05
CA SER D 168 28.44 -20.05 36.76
C SER D 168 29.60 -19.32 37.48
N LYS D 169 30.67 -20.04 37.84
CA LYS D 169 31.81 -19.48 38.56
C LYS D 169 32.95 -19.04 37.67
N ASP D 170 33.39 -19.88 36.72
CA ASP D 170 34.53 -19.56 35.88
C ASP D 170 34.19 -19.39 34.37
N SER D 171 32.88 -19.53 34.00
CA SER D 171 32.35 -19.33 32.63
C SER D 171 32.97 -20.26 31.57
N THR D 172 33.47 -21.44 31.98
CA THR D 172 34.07 -22.41 31.07
C THR D 172 33.00 -23.48 30.72
N TYR D 173 33.35 -24.37 29.77
CA TYR D 173 32.52 -25.49 29.35
C TYR D 173 33.28 -26.74 29.66
N SER D 174 32.58 -27.86 29.75
CA SER D 174 33.20 -29.19 29.89
C SER D 174 32.50 -30.15 28.92
N LEU D 175 33.26 -31.10 28.35
CA LEU D 175 32.70 -32.02 27.38
C LEU D 175 33.20 -33.44 27.66
N SER D 176 32.32 -34.41 27.47
CA SER D 176 32.65 -35.83 27.53
C SER D 176 32.28 -36.48 26.19
N SER D 177 33.17 -37.32 25.68
CA SER D 177 32.97 -38.13 24.48
C SER D 177 33.13 -39.59 24.95
N THR D 178 32.14 -40.42 24.60
CA THR D 178 32.10 -41.83 24.98
C THR D 178 32.09 -42.67 23.72
N LEU D 179 33.09 -43.56 23.58
CA LEU D 179 33.25 -44.53 22.49
C LEU D 179 32.71 -45.89 22.97
N THR D 180 31.71 -46.43 22.31
CA THR D 180 31.16 -47.73 22.73
C THR D 180 31.44 -48.84 21.70
N LEU D 181 32.05 -49.92 22.18
CA LEU D 181 32.38 -51.12 21.41
C LEU D 181 31.86 -52.37 22.14
N SER D 182 31.84 -53.51 21.42
CA SER D 182 31.52 -54.81 21.99
C SER D 182 32.85 -55.25 22.60
N LYS D 183 32.82 -56.14 23.59
CA LYS D 183 34.04 -56.72 24.22
C LYS D 183 34.91 -57.37 23.11
N ALA D 184 34.28 -58.10 22.18
CA ALA D 184 34.96 -58.75 21.05
C ALA D 184 35.76 -57.77 20.18
N ASP D 185 35.12 -56.65 19.77
CA ASP D 185 35.75 -55.58 18.99
C ASP D 185 36.86 -54.93 19.81
N TYR D 186 36.57 -54.60 21.06
CA TYR D 186 37.54 -53.97 21.97
C TYR D 186 38.84 -54.80 22.14
N GLU D 187 38.69 -56.12 22.25
CA GLU D 187 39.82 -57.04 22.44
C GLU D 187 40.65 -57.27 21.15
N LYS D 188 40.18 -56.78 19.99
CA LYS D 188 40.91 -56.91 18.72
C LYS D 188 42.01 -55.84 18.60
N HIS D 189 42.01 -54.82 19.47
CA HIS D 189 42.94 -53.70 19.36
C HIS D 189 43.73 -53.39 20.62
N LYS D 190 44.85 -52.69 20.46
CA LYS D 190 45.73 -52.33 21.58
C LYS D 190 45.62 -50.86 21.99
N VAL D 191 45.90 -49.90 21.07
CA VAL D 191 45.98 -48.47 21.39
C VAL D 191 44.63 -47.75 21.18
N TYR D 192 44.14 -47.12 22.28
CA TYR D 192 42.92 -46.35 22.38
C TYR D 192 43.31 -44.93 22.70
N ALA D 193 42.93 -43.97 21.83
CA ALA D 193 43.32 -42.58 21.96
C ALA D 193 42.23 -41.59 21.54
N CYS D 194 42.17 -40.45 22.24
CA CYS D 194 41.30 -39.36 21.86
C CYS D 194 42.19 -38.16 21.60
N GLU D 195 42.03 -37.58 20.40
CA GLU D 195 42.80 -36.45 19.91
C GLU D 195 41.92 -35.23 19.95
N VAL D 196 42.37 -34.22 20.70
CA VAL D 196 41.63 -33.01 20.94
C VAL D 196 42.22 -31.83 20.21
N THR D 197 41.37 -31.09 19.50
CA THR D 197 41.69 -29.87 18.77
C THR D 197 40.84 -28.73 19.38
N HIS D 198 41.49 -27.65 19.77
CA HIS D 198 40.83 -26.50 20.41
C HIS D 198 41.69 -25.28 20.24
N GLN D 199 41.06 -24.09 20.14
CA GLN D 199 41.67 -22.78 19.98
C GLN D 199 42.82 -22.48 20.98
N GLY D 200 42.69 -22.95 22.23
CA GLY D 200 43.69 -22.79 23.28
C GLY D 200 44.90 -23.71 23.16
N LEU D 201 44.92 -24.58 22.14
CA LEU D 201 46.03 -25.53 21.93
C LEU D 201 46.72 -25.23 20.60
N SER D 202 48.04 -25.02 20.64
CA SER D 202 48.90 -24.75 19.47
C SER D 202 48.93 -25.96 18.50
N SER D 203 48.84 -27.17 19.07
CA SER D 203 48.81 -28.44 18.33
C SER D 203 47.85 -29.44 19.03
N PRO D 204 47.23 -30.40 18.29
CA PRO D 204 46.31 -31.36 18.94
C PRO D 204 46.91 -32.20 20.06
N VAL D 205 46.19 -32.30 21.18
CA VAL D 205 46.58 -33.07 22.36
C VAL D 205 45.99 -34.48 22.27
N THR D 206 46.82 -35.51 22.51
CA THR D 206 46.39 -36.90 22.46
C THR D 206 46.59 -37.59 23.81
N LYS D 207 45.53 -38.21 24.34
CA LYS D 207 45.53 -39.00 25.57
C LYS D 207 45.22 -40.40 25.14
N SER D 208 45.96 -41.38 25.65
CA SER D 208 45.83 -42.78 25.31
C SER D 208 46.20 -43.77 26.41
N PHE D 209 45.80 -45.03 26.19
CA PHE D 209 46.15 -46.19 26.98
C PHE D 209 46.23 -47.37 26.02
N ASN D 210 46.90 -48.45 26.47
CA ASN D 210 47.04 -49.69 25.71
C ASN D 210 46.22 -50.65 26.51
N ARG D 211 45.37 -51.44 25.82
CA ARG D 211 44.49 -52.44 26.42
C ARG D 211 45.29 -53.49 27.24
N GLY D 212 44.82 -53.79 28.46
CA GLY D 212 45.45 -54.76 29.34
C GLY D 212 46.39 -54.17 30.36
N GLU D 213 46.87 -52.93 30.12
CA GLU D 213 47.79 -52.22 31.00
C GLU D 213 47.08 -51.21 31.89
N GLU E 2 -15.04 1.74 -3.03
CA GLU E 2 -14.69 2.24 -4.37
C GLU E 2 -15.28 3.64 -4.65
N LEU E 3 -14.50 4.48 -5.40
CA LEU E 3 -14.76 5.89 -5.69
C LEU E 3 -15.37 6.22 -7.09
N ARG E 4 -15.64 5.18 -7.89
CA ARG E 4 -16.29 5.25 -9.21
C ARG E 4 -16.63 3.84 -9.68
N CYS E 5 -17.35 3.70 -10.82
CA CYS E 5 -17.67 2.37 -11.35
C CYS E 5 -16.43 1.78 -12.00
N LEU E 6 -16.05 0.54 -11.61
CA LEU E 6 -14.88 -0.17 -12.13
C LEU E 6 -15.22 -1.06 -13.30
N CYS E 7 -16.48 -1.48 -13.40
CA CYS E 7 -16.92 -2.42 -14.43
C CYS E 7 -17.74 -1.72 -15.48
N MET E 8 -17.35 -1.95 -16.74
CA MET E 8 -17.96 -1.41 -17.94
C MET E 8 -18.75 -2.55 -18.62
N LYS E 9 -18.04 -3.60 -19.04
CA LYS E 9 -18.59 -4.82 -19.65
C LYS E 9 -18.48 -5.96 -18.63
N THR E 10 -19.34 -6.97 -18.77
CA THR E 10 -19.31 -8.17 -17.94
C THR E 10 -19.22 -9.39 -18.83
N THR E 11 -18.74 -10.51 -18.27
CA THR E 11 -18.68 -11.80 -18.96
C THR E 11 -19.51 -12.79 -18.14
N SER E 12 -19.88 -13.93 -18.73
CA SER E 12 -20.70 -14.95 -18.07
C SER E 12 -20.03 -16.35 -18.08
N GLY E 13 -19.08 -16.53 -18.99
CA GLY E 13 -18.37 -17.79 -19.18
C GLY E 13 -17.10 -18.01 -18.39
N ILE E 14 -17.23 -18.48 -17.13
CA ILE E 14 -16.12 -18.82 -16.24
C ILE E 14 -16.51 -19.95 -15.30
N HIS E 15 -15.68 -21.02 -15.27
CA HIS E 15 -15.92 -22.18 -14.42
C HIS E 15 -15.56 -21.82 -12.97
N PRO E 16 -16.41 -22.14 -11.96
CA PRO E 16 -16.06 -21.81 -10.56
C PRO E 16 -14.71 -22.37 -10.13
N LYS E 17 -14.29 -23.51 -10.73
CA LYS E 17 -13.00 -24.16 -10.49
C LYS E 17 -11.85 -23.17 -10.71
N ASN E 18 -12.04 -22.18 -11.61
CA ASN E 18 -11.01 -21.20 -11.93
C ASN E 18 -11.04 -19.94 -11.03
N ILE E 19 -12.12 -19.74 -10.26
CA ILE E 19 -12.26 -18.56 -9.40
C ILE E 19 -11.65 -18.78 -8.02
N GLN E 20 -10.77 -17.86 -7.60
CA GLN E 20 -10.20 -17.88 -6.25
C GLN E 20 -11.17 -17.14 -5.28
N SER E 21 -11.60 -15.92 -5.65
CA SER E 21 -12.47 -15.07 -4.82
C SER E 21 -13.43 -14.23 -5.66
N LEU E 22 -14.47 -13.70 -5.01
CA LEU E 22 -15.47 -12.89 -5.69
C LEU E 22 -15.93 -11.78 -4.82
N GLU E 23 -15.98 -10.59 -5.40
CA GLU E 23 -16.44 -9.43 -4.68
C GLU E 23 -17.77 -8.94 -5.24
N VAL E 24 -18.77 -8.83 -4.38
CA VAL E 24 -20.10 -8.35 -4.74
C VAL E 24 -20.16 -6.93 -4.22
N ILE E 25 -20.25 -5.94 -5.12
CA ILE E 25 -20.31 -4.55 -4.70
C ILE E 25 -21.71 -4.02 -5.00
N GLY E 26 -22.39 -3.56 -3.94
CA GLY E 26 -23.72 -2.99 -4.08
C GLY E 26 -23.64 -1.57 -4.60
N LYS E 27 -24.78 -1.01 -5.05
CA LYS E 27 -24.84 0.39 -5.49
C LYS E 27 -24.39 1.31 -4.34
N GLY E 28 -23.61 2.33 -4.68
CA GLY E 28 -23.08 3.25 -3.68
C GLY E 28 -23.23 4.69 -4.08
N ILE E 29 -22.64 5.59 -3.24
CA ILE E 29 -22.67 7.04 -3.45
C ILE E 29 -21.91 7.46 -4.72
N HIS E 30 -20.90 6.67 -5.18
CA HIS E 30 -20.13 7.01 -6.38
C HIS E 30 -20.35 6.05 -7.57
N CYS E 31 -21.23 5.04 -7.41
CA CYS E 31 -21.53 4.08 -8.46
C CYS E 31 -22.98 3.60 -8.39
N ASN E 32 -23.75 3.90 -9.44
CA ASN E 32 -25.16 3.54 -9.59
C ASN E 32 -25.37 2.14 -10.25
N GLN E 33 -24.31 1.32 -10.21
CA GLN E 33 -24.28 -0.04 -10.75
C GLN E 33 -23.92 -1.03 -9.64
N VAL E 34 -24.38 -2.28 -9.78
CA VAL E 34 -23.98 -3.41 -8.95
C VAL E 34 -22.83 -4.06 -9.74
N GLU E 35 -21.70 -4.36 -9.08
CA GLU E 35 -20.56 -4.94 -9.78
C GLU E 35 -20.10 -6.23 -9.11
N VAL E 36 -19.72 -7.21 -9.94
CA VAL E 36 -19.23 -8.48 -9.44
C VAL E 36 -17.84 -8.74 -10.02
N ILE E 37 -16.79 -8.65 -9.18
CA ILE E 37 -15.42 -8.88 -9.64
C ILE E 37 -14.88 -10.19 -9.09
N ALA E 38 -14.47 -11.07 -9.99
CA ALA E 38 -13.90 -12.36 -9.68
C ALA E 38 -12.41 -12.33 -9.88
N THR E 39 -11.63 -12.83 -8.90
CA THR E 39 -10.18 -12.96 -9.02
C THR E 39 -9.95 -14.41 -9.37
N LEU E 40 -9.30 -14.64 -10.49
CA LEU E 40 -9.07 -15.98 -10.96
C LEU E 40 -7.86 -16.59 -10.30
N LYS E 41 -7.74 -17.93 -10.40
CA LYS E 41 -6.63 -18.70 -9.82
C LYS E 41 -5.29 -18.28 -10.42
N ASP E 42 -5.28 -17.81 -11.70
CA ASP E 42 -4.11 -17.28 -12.38
C ASP E 42 -3.77 -15.83 -11.91
N GLY E 43 -4.67 -15.22 -11.14
CA GLY E 43 -4.50 -13.86 -10.60
C GLY E 43 -5.26 -12.73 -11.31
N ARG E 44 -5.86 -13.02 -12.48
CA ARG E 44 -6.61 -12.06 -13.28
C ARG E 44 -7.93 -11.65 -12.62
N LYS E 45 -8.27 -10.35 -12.68
CA LYS E 45 -9.52 -9.83 -12.16
C LYS E 45 -10.49 -9.69 -13.35
N ILE E 46 -11.73 -10.17 -13.19
CA ILE E 46 -12.72 -10.20 -14.25
C ILE E 46 -14.13 -9.81 -13.73
N CYS E 47 -14.85 -8.95 -14.49
CA CYS E 47 -16.21 -8.49 -14.19
C CYS E 47 -17.20 -9.54 -14.66
N LEU E 48 -18.13 -9.92 -13.78
CA LEU E 48 -19.15 -10.91 -14.09
C LEU E 48 -20.52 -10.29 -14.11
N ASP E 49 -21.43 -10.88 -14.91
CA ASP E 49 -22.83 -10.45 -15.01
C ASP E 49 -23.54 -10.62 -13.65
N PRO E 50 -23.99 -9.52 -13.00
CA PRO E 50 -24.57 -9.64 -11.66
C PRO E 50 -25.98 -10.26 -11.60
N ASP E 51 -26.33 -11.21 -12.51
CA ASP E 51 -27.64 -11.86 -12.43
C ASP E 51 -27.65 -12.74 -11.17
N ALA E 52 -28.53 -12.40 -10.22
CA ALA E 52 -28.65 -13.00 -8.89
C ALA E 52 -28.60 -14.55 -8.85
N PRO E 53 -29.31 -15.35 -9.69
CA PRO E 53 -29.18 -16.82 -9.57
C PRO E 53 -27.78 -17.38 -9.86
N ARG E 54 -27.20 -17.10 -11.04
CA ARG E 54 -25.89 -17.61 -11.44
C ARG E 54 -24.72 -17.08 -10.58
N ILE E 55 -24.86 -15.84 -10.06
CA ILE E 55 -23.86 -15.22 -9.19
C ILE E 55 -23.90 -15.92 -7.83
N LYS E 56 -25.10 -16.33 -7.38
CA LYS E 56 -25.30 -17.06 -6.14
C LYS E 56 -24.84 -18.51 -6.26
N LYS E 57 -24.84 -19.08 -7.52
CA LYS E 57 -24.38 -20.43 -7.82
C LYS E 57 -22.89 -20.48 -7.63
N ILE E 58 -22.16 -19.55 -8.27
CA ILE E 58 -20.71 -19.41 -8.16
C ILE E 58 -20.34 -18.97 -6.74
N VAL E 59 -21.15 -18.08 -6.12
CA VAL E 59 -20.91 -17.62 -4.75
C VAL E 59 -21.05 -18.75 -3.75
N GLN E 60 -22.16 -19.53 -3.77
CA GLN E 60 -22.42 -20.68 -2.88
C GLN E 60 -21.32 -21.75 -2.98
N LYS E 61 -20.86 -22.03 -4.21
CA LYS E 61 -19.81 -23.00 -4.47
C LYS E 61 -18.45 -22.57 -3.90
N LYS E 62 -18.25 -21.25 -3.71
CA LYS E 62 -17.02 -20.65 -3.15
C LYS E 62 -17.20 -20.52 -1.63
N LEU E 63 -18.45 -20.19 -1.24
CA LEU E 63 -18.97 -19.96 0.10
C LEU E 63 -19.15 -21.27 0.84
N ALA E 64 -18.66 -22.40 0.25
CA ALA E 64 -18.72 -23.77 0.80
C ALA E 64 -17.71 -24.68 0.07
N GLY E 65 -18.14 -25.38 -0.98
CA GLY E 65 -17.29 -26.29 -1.73
C GLY E 65 -17.73 -26.54 -3.17
N GLU F 2 -2.88 -14.57 -1.30
CA GLU F 2 -2.80 -14.42 0.15
C GLU F 2 -1.84 -15.43 0.78
N LEU F 3 -1.03 -14.92 1.72
CA LEU F 3 0.05 -15.67 2.34
C LEU F 3 -0.29 -16.32 3.70
N ARG F 4 -1.49 -16.02 4.25
CA ARG F 4 -2.03 -16.58 5.49
C ARG F 4 -3.49 -16.18 5.65
N CYS F 5 -4.18 -16.73 6.68
CA CYS F 5 -5.57 -16.41 6.95
C CYS F 5 -5.65 -15.00 7.52
N LEU F 6 -6.55 -14.17 6.95
CA LEU F 6 -6.78 -12.79 7.38
C LEU F 6 -7.86 -12.68 8.46
N CYS F 7 -8.78 -13.66 8.49
CA CYS F 7 -9.88 -13.68 9.44
C CYS F 7 -9.69 -14.71 10.52
N MET F 8 -9.80 -14.27 11.75
CA MET F 8 -9.65 -15.08 12.94
C MET F 8 -11.05 -15.34 13.54
N LYS F 9 -11.70 -14.27 13.91
CA LYS F 9 -12.98 -14.18 14.60
C LYS F 9 -13.95 -13.50 13.63
N THR F 10 -15.18 -14.03 13.55
CA THR F 10 -16.21 -13.51 12.67
C THR F 10 -17.30 -12.89 13.53
N THR F 11 -18.05 -11.98 12.94
CA THR F 11 -19.21 -11.37 13.59
C THR F 11 -20.44 -11.62 12.72
N SER F 12 -21.60 -11.30 13.30
CA SER F 12 -22.94 -11.35 12.73
C SER F 12 -23.71 -10.22 13.42
N GLY F 13 -24.81 -9.77 12.82
CA GLY F 13 -25.61 -8.69 13.41
C GLY F 13 -25.47 -7.37 12.67
N ILE F 14 -24.96 -7.42 11.45
CA ILE F 14 -24.81 -6.26 10.59
C ILE F 14 -25.99 -6.25 9.62
N HIS F 15 -26.66 -5.11 9.52
CA HIS F 15 -27.80 -4.91 8.62
C HIS F 15 -27.25 -4.76 7.19
N PRO F 16 -27.83 -5.43 6.16
CA PRO F 16 -27.30 -5.29 4.79
C PRO F 16 -27.24 -3.83 4.32
N LYS F 17 -28.16 -2.99 4.83
CA LYS F 17 -28.21 -1.55 4.56
C LYS F 17 -26.86 -0.89 4.86
N ASN F 18 -26.09 -1.44 5.82
CA ASN F 18 -24.78 -0.89 6.23
C ASN F 18 -23.59 -1.45 5.43
N ILE F 19 -23.80 -2.51 4.66
CA ILE F 19 -22.73 -3.13 3.87
C ILE F 19 -22.62 -2.52 2.49
N GLN F 20 -21.42 -2.06 2.12
CA GLN F 20 -21.17 -1.55 0.77
C GLN F 20 -20.84 -2.74 -0.17
N SER F 21 -19.89 -3.60 0.23
CA SER F 21 -19.44 -4.73 -0.56
C SER F 21 -19.06 -5.94 0.28
N LEU F 22 -18.93 -7.10 -0.36
CA LEU F 22 -18.58 -8.33 0.32
C LEU F 22 -17.69 -9.17 -0.53
N GLU F 23 -16.60 -9.66 0.07
CA GLU F 23 -15.68 -10.51 -0.64
C GLU F 23 -15.74 -11.92 -0.07
N VAL F 24 -15.98 -12.90 -0.94
CA VAL F 24 -16.02 -14.30 -0.57
C VAL F 24 -14.70 -14.89 -1.04
N ILE F 25 -13.87 -15.35 -0.11
CA ILE F 25 -12.58 -15.92 -0.47
C ILE F 25 -12.60 -17.41 -0.19
N GLY F 26 -12.34 -18.18 -1.23
CA GLY F 26 -12.26 -19.64 -1.13
C GLY F 26 -10.97 -20.08 -0.47
N LYS F 27 -10.91 -21.36 -0.07
CA LYS F 27 -9.72 -21.95 0.52
C LYS F 27 -8.54 -21.80 -0.44
N GLY F 28 -7.36 -21.47 0.09
CA GLY F 28 -6.14 -21.30 -0.72
C GLY F 28 -4.98 -22.17 -0.26
N ILE F 29 -3.82 -22.03 -0.91
CA ILE F 29 -2.62 -22.81 -0.57
C ILE F 29 -2.08 -22.46 0.85
N HIS F 30 -2.30 -21.23 1.34
CA HIS F 30 -1.84 -20.81 2.67
C HIS F 30 -2.95 -20.54 3.69
N CYS F 31 -4.19 -20.83 3.32
CA CYS F 31 -5.35 -20.66 4.21
C CYS F 31 -6.42 -21.72 3.92
N ASN F 32 -6.60 -22.59 4.91
CA ASN F 32 -7.50 -23.72 4.89
C ASN F 32 -8.93 -23.38 5.38
N GLN F 33 -9.30 -22.11 5.31
CA GLN F 33 -10.59 -21.60 5.75
C GLN F 33 -11.14 -20.66 4.69
N VAL F 34 -12.48 -20.67 4.55
CA VAL F 34 -13.24 -19.79 3.67
C VAL F 34 -13.43 -18.48 4.48
N GLU F 35 -13.21 -17.32 3.86
CA GLU F 35 -13.31 -16.06 4.57
C GLU F 35 -14.29 -15.12 3.88
N VAL F 36 -15.08 -14.38 4.68
CA VAL F 36 -16.03 -13.43 4.14
C VAL F 36 -15.74 -12.05 4.73
N ILE F 37 -15.22 -11.11 3.90
CA ILE F 37 -14.92 -9.77 4.36
C ILE F 37 -15.91 -8.77 3.78
N ALA F 38 -16.61 -8.06 4.66
CA ALA F 38 -17.59 -7.03 4.32
C ALA F 38 -16.98 -5.67 4.53
N THR F 39 -17.13 -4.76 3.55
CA THR F 39 -16.70 -3.37 3.69
C THR F 39 -17.98 -2.61 4.00
N LEU F 40 -17.97 -1.92 5.11
CA LEU F 40 -19.15 -1.20 5.55
C LEU F 40 -19.23 0.17 4.88
N LYS F 41 -20.42 0.79 4.94
CA LYS F 41 -20.67 2.10 4.34
C LYS F 41 -19.80 3.20 5.00
N ASP F 42 -19.42 3.01 6.29
CA ASP F 42 -18.50 3.89 7.00
C ASP F 42 -17.03 3.63 6.60
N GLY F 43 -16.77 2.59 5.80
CA GLY F 43 -15.44 2.22 5.30
C GLY F 43 -14.72 1.09 6.01
N ARG F 44 -15.23 0.65 7.18
CA ARG F 44 -14.64 -0.42 8.00
C ARG F 44 -14.74 -1.78 7.32
N LYS F 45 -13.67 -2.58 7.42
CA LYS F 45 -13.64 -3.94 6.89
C LYS F 45 -13.90 -4.89 8.08
N ILE F 46 -14.82 -5.85 7.89
CA ILE F 46 -15.29 -6.74 8.94
C ILE F 46 -15.46 -8.18 8.43
N CYS F 47 -14.99 -9.17 9.23
CA CYS F 47 -15.08 -10.61 8.93
C CYS F 47 -16.44 -11.10 9.33
N LEU F 48 -17.12 -11.80 8.43
CA LEU F 48 -18.45 -12.35 8.68
C LEU F 48 -18.41 -13.86 8.70
N ASP F 49 -19.35 -14.47 9.45
CA ASP F 49 -19.51 -15.91 9.54
C ASP F 49 -19.83 -16.45 8.13
N PRO F 50 -18.98 -17.34 7.56
CA PRO F 50 -19.24 -17.82 6.20
C PRO F 50 -20.42 -18.78 6.07
N ASP F 51 -21.48 -18.55 6.86
CA ASP F 51 -22.74 -19.25 6.87
C ASP F 51 -23.39 -18.96 5.51
N ALA F 52 -23.43 -19.96 4.59
CA ALA F 52 -23.98 -19.86 3.24
C ALA F 52 -25.42 -19.27 3.17
N PRO F 53 -26.45 -19.66 3.99
CA PRO F 53 -27.76 -18.99 3.86
C PRO F 53 -27.74 -17.48 4.14
N ARG F 54 -27.10 -17.06 5.27
CA ARG F 54 -26.99 -15.64 5.66
C ARG F 54 -26.24 -14.77 4.64
N ILE F 55 -25.08 -15.25 4.14
CA ILE F 55 -24.32 -14.52 3.13
C ILE F 55 -25.07 -14.46 1.77
N LYS F 56 -25.86 -15.52 1.44
CA LYS F 56 -26.67 -15.58 0.20
C LYS F 56 -27.87 -14.62 0.25
N LYS F 57 -28.37 -14.28 1.46
CA LYS F 57 -29.46 -13.31 1.64
C LYS F 57 -28.93 -11.88 1.35
N ILE F 58 -27.75 -11.52 1.92
CA ILE F 58 -27.07 -10.24 1.70
C ILE F 58 -26.71 -10.13 0.21
N VAL F 59 -26.18 -11.21 -0.40
CA VAL F 59 -25.79 -11.24 -1.81
C VAL F 59 -26.96 -10.97 -2.77
N GLN F 60 -28.15 -11.58 -2.55
CA GLN F 60 -29.34 -11.38 -3.39
C GLN F 60 -29.86 -9.94 -3.22
N LYS F 61 -29.88 -9.45 -1.95
CA LYS F 61 -30.32 -8.10 -1.62
C LYS F 61 -29.39 -7.04 -2.24
N LYS F 62 -28.09 -7.37 -2.45
CA LYS F 62 -27.14 -6.45 -3.07
C LYS F 62 -27.36 -6.36 -4.59
N LEU F 63 -27.66 -7.51 -5.26
CA LEU F 63 -27.90 -7.58 -6.71
C LEU F 63 -29.31 -7.09 -7.11
N ALA F 64 -30.23 -6.89 -6.13
CA ALA F 64 -31.59 -6.42 -6.37
C ALA F 64 -31.89 -5.08 -5.66
C1 PG6 G . -5.85 35.49 -18.42
O1 PG6 G . -6.52 34.29 -18.13
C2 PG6 G . -5.98 33.55 -17.03
C3 PG6 G . -5.82 32.11 -17.43
O2 PG6 G . -6.60 31.25 -16.62
C4 PG6 G . -7.30 30.26 -17.37
C5 PG6 G . -8.77 30.33 -17.08
O3 PG6 G . -9.50 29.65 -18.11
C6 PG6 G . -10.57 30.42 -18.66
C7 PG6 G . -10.12 31.05 -19.95
O4 PG6 G . -11.01 30.69 -21.01
C8 PG6 G . -10.40 30.75 -22.29
C9 PG6 G . -10.31 29.37 -22.89
O5 PG6 G . -10.37 29.44 -24.32
C10 PG6 G . -11.24 28.47 -24.88
C11 PG6 G . -12.61 29.05 -25.08
O6 PG6 G . -13.53 28.06 -25.51
C12 PG6 G . -14.56 28.59 -26.33
#